data_6EPO
#
_entry.id   6EPO
#
_cell.length_a   150.118
_cell.length_b   150.118
_cell.length_c   200.087
_cell.angle_alpha   90.00
_cell.angle_beta   90.00
_cell.angle_gamma   90.00
#
_symmetry.space_group_name_H-M   'I 4 2 2'
#
loop_
_entity.id
_entity.type
_entity.pdbx_description
1 polymer 'GTPase KRas'
2 polymer 'Son of sevenless homolog 1'
3 non-polymer GLYCEROL
4 non-polymer 3-(4-chlorophenyl)propan-1-amine
5 water water
#
loop_
_entity_poly.entity_id
_entity_poly.type
_entity_poly.pdbx_seq_one_letter_code
_entity_poly.pdbx_strand_id
1 'polypeptide(L)'
;GMTEYKLVVVGACGVGKSALTIQLIQNHFVDEYDPTIEDSYRKQVVIDGETCLLDILDTAGQEEYSAMRDQYMRTGEGFL
CVFAINNTKSFEDIHHYREQIKRVKDSEDVPMVLVGNKSDLPSRTVESRQAQDLARSYGIPFIETSAKTRQGVDDAFYTL
VREIRKHKEK
;
R
2 'polypeptide(L)'
;GEEQMRLPSADVYRFAEPDSEENIIFEENMQPKAGIPIIKAGTVIKLIERLTYHMYADPNFVRTFLTTYRSFCKPQELLS
LIIERFEIPEPEPTEADRIAIENGDQPLSAELKRFRKEYIQPVQLRVLNVCRHWVEHHFYDFERDAYLLQRMEEFIGTVR
GKAMKKWVESITKIIQRKKIARDNGPGHNITFQSSPPTVEWHISRPGHIETFDLLTLHPIEIARQLTLLESDLYRAVQPS
ELVGSVWTKEDKEINSPNLLKMIRHTTNLTLWFEKCIVETENLEERVAVVSRIIEILQVFQELNNFNGVLEVVSAMNSSP
VYRLDHTFEQIPSRQKKILEEAHELSEDHYKKYLAKLRSINPPCVPFFGIYLTNILKTEEGNPEVLKRHGKELINFSKRR
KVAEITGEIQQYQNQPYCLRVESDIKRFFENLNPMGNSMEKEFTDYLFNKSLEIEPRNPKPLPRFPKKYSYPLKSPGVRP
SNPRPGT
;
S
#
loop_
_chem_comp.id
_chem_comp.type
_chem_comp.name
_chem_comp.formula
BPW non-polymer 3-(4-chlorophenyl)propan-1-amine 'C9 H12 Cl N'
GOL non-polymer GLYCEROL 'C3 H8 O3'
#
# COMPACT_ATOMS: atom_id res chain seq x y z
N MET A 2 -25.02 -22.54 1.77
CA MET A 2 -24.54 -21.79 0.56
C MET A 2 -23.02 -21.96 0.39
N THR A 3 -22.63 -22.58 -0.71
CA THR A 3 -21.22 -22.81 -1.02
C THR A 3 -20.49 -21.48 -1.25
N GLU A 4 -19.25 -21.41 -0.78
CA GLU A 4 -18.41 -20.24 -0.89
C GLU A 4 -17.15 -20.62 -1.69
N TYR A 5 -16.89 -19.89 -2.78
CA TYR A 5 -15.70 -20.10 -3.60
C TYR A 5 -14.68 -18.98 -3.35
N LYS A 6 -13.50 -19.37 -2.88
CA LYS A 6 -12.38 -18.43 -2.66
C LYS A 6 -11.50 -18.33 -3.91
N LEU A 7 -11.62 -17.18 -4.56
CA LEU A 7 -10.97 -16.89 -5.83
C LEU A 7 -9.79 -15.92 -5.58
N VAL A 8 -8.74 -16.06 -6.38
CA VAL A 8 -7.56 -15.21 -6.27
C VAL A 8 -7.20 -14.70 -7.65
N VAL A 9 -7.03 -13.39 -7.75
CA VAL A 9 -6.65 -12.74 -8.99
C VAL A 9 -5.14 -12.55 -8.97
N VAL A 10 -4.44 -12.97 -10.01
CA VAL A 10 -3.01 -12.74 -10.12
C VAL A 10 -2.67 -12.16 -11.48
N GLY A 11 -1.58 -11.39 -11.53
CA GLY A 11 -1.09 -10.83 -12.77
C GLY A 11 -0.16 -9.68 -12.51
N ALA A 12 0.48 -9.17 -13.56
CA ALA A 12 1.41 -8.04 -13.44
C ALA A 12 0.70 -6.74 -13.02
N CYS A 13 1.46 -5.76 -12.51
CA CYS A 13 0.91 -4.40 -12.29
C CYS A 13 0.77 -3.63 -13.62
N GLY A 14 -0.11 -2.62 -13.65
CA GLY A 14 -0.43 -1.85 -14.89
C GLY A 14 -1.25 -2.66 -15.89
N VAL A 15 -2.37 -3.19 -15.42
CA VAL A 15 -3.10 -4.28 -16.11
C VAL A 15 -4.64 -4.28 -15.88
N GLY A 16 -5.10 -3.60 -14.81
CA GLY A 16 -6.50 -3.60 -14.44
C GLY A 16 -6.97 -4.89 -13.80
N LYS A 17 -6.09 -5.56 -13.05
CA LYS A 17 -6.57 -6.64 -12.18
C LYS A 17 -7.67 -6.10 -11.26
N SER A 18 -7.40 -4.87 -10.80
CA SER A 18 -8.30 -4.10 -9.94
C SER A 18 -9.65 -3.95 -10.59
N ALA A 19 -9.65 -3.47 -11.82
CA ALA A 19 -10.85 -3.06 -12.52
C ALA A 19 -11.75 -4.27 -12.73
N LEU A 20 -11.15 -5.41 -13.00
CA LEU A 20 -11.88 -6.65 -13.17
C LEU A 20 -12.74 -7.01 -11.94
N THR A 21 -12.11 -7.01 -10.77
CA THR A 21 -12.79 -7.40 -9.55
C THR A 21 -13.73 -6.32 -9.11
N ILE A 22 -13.30 -5.06 -9.23
CA ILE A 22 -14.16 -3.93 -8.91
C ILE A 22 -15.45 -3.98 -9.72
N GLN A 23 -15.32 -4.21 -11.02
CA GLN A 23 -16.49 -4.21 -11.91
C GLN A 23 -17.42 -5.41 -11.66
N LEU A 24 -16.89 -6.55 -11.23
CA LEU A 24 -17.72 -7.68 -10.79
C LEU A 24 -18.56 -7.31 -9.58
N ILE A 25 -17.90 -6.78 -8.56
CA ILE A 25 -18.54 -6.54 -7.27
C ILE A 25 -19.48 -5.37 -7.30
N GLN A 26 -19.08 -4.27 -7.93
CA GLN A 26 -19.93 -3.08 -7.86
C GLN A 26 -21.18 -3.34 -8.70
N ASN A 27 -22.28 -2.71 -8.32
CA ASN A 27 -23.49 -2.77 -9.12
C ASN A 27 -23.17 -2.04 -10.42
N HIS A 28 -23.53 -2.68 -11.52
CA HIS A 28 -23.35 -2.17 -12.91
C HIS A 28 -23.55 -0.65 -13.13
N PHE A 29 -24.44 0.01 -12.37
CA PHE A 29 -24.77 1.44 -12.58
C PHE A 29 -24.52 2.36 -11.38
N VAL A 30 -23.65 1.91 -10.48
CA VAL A 30 -23.00 2.78 -9.49
C VAL A 30 -21.49 2.62 -9.75
N ASP A 31 -20.84 3.72 -10.15
CA ASP A 31 -19.39 3.78 -10.28
C ASP A 31 -18.89 4.33 -8.95
N GLU A 32 -18.91 3.45 -7.95
CA GLU A 32 -18.55 3.78 -6.58
C GLU A 32 -17.95 2.53 -5.95
N TYR A 33 -17.02 2.74 -5.03
CA TYR A 33 -16.27 1.63 -4.44
C TYR A 33 -15.45 2.09 -3.26
N ASP A 34 -15.66 1.44 -2.13
CA ASP A 34 -14.85 1.64 -0.94
C ASP A 34 -14.24 0.27 -0.57
N PRO A 35 -12.95 0.07 -0.87
CA PRO A 35 -12.30 -1.22 -0.59
C PRO A 35 -12.01 -1.51 0.90
N THR A 36 -12.33 -0.58 1.80
CA THR A 36 -12.09 -0.75 3.23
C THR A 36 -13.21 -1.52 3.97
N ILE A 37 -14.29 -1.91 3.29
CA ILE A 37 -15.44 -2.59 3.93
C ILE A 37 -15.57 -4.04 3.40
N GLU A 38 -16.25 -4.90 4.15
CA GLU A 38 -16.32 -6.35 3.84
C GLU A 38 -17.04 -6.70 2.52
N ASP A 39 -18.17 -6.05 2.26
CA ASP A 39 -18.89 -6.25 0.98
C ASP A 39 -18.08 -5.89 -0.29
N SER A 40 -16.94 -5.18 -0.11
CA SER A 40 -16.10 -4.81 -1.24
C SER A 40 -15.43 -6.00 -1.93
N TYR A 41 -15.23 -7.13 -1.23
CA TYR A 41 -14.64 -8.33 -1.88
C TYR A 41 -15.53 -9.60 -1.84
N ARG A 42 -16.78 -9.47 -1.41
CA ARG A 42 -17.71 -10.61 -1.33
C ARG A 42 -19.01 -10.33 -2.08
N LYS A 43 -19.40 -11.27 -2.94
CA LYS A 43 -20.62 -11.12 -3.73
C LYS A 43 -21.39 -12.43 -3.84
N GLN A 44 -22.68 -12.34 -3.61
CA GLN A 44 -23.58 -13.46 -3.80
C GLN A 44 -24.06 -13.45 -5.25
N VAL A 45 -23.98 -14.60 -5.91
CA VAL A 45 -24.35 -14.74 -7.31
C VAL A 45 -24.99 -16.10 -7.56
N VAL A 46 -25.84 -16.16 -8.59
CA VAL A 46 -26.44 -17.39 -9.06
C VAL A 46 -25.68 -17.74 -10.33
N ILE A 47 -25.07 -18.93 -10.35
CA ILE A 47 -24.36 -19.47 -11.52
C ILE A 47 -24.95 -20.84 -11.88
N ASP A 48 -25.36 -21.03 -13.14
CA ASP A 48 -26.05 -22.26 -13.58
C ASP A 48 -27.11 -22.74 -12.56
N GLY A 49 -27.94 -21.81 -12.09
CA GLY A 49 -29.00 -22.11 -11.13
C GLY A 49 -28.61 -22.38 -9.68
N GLU A 50 -27.31 -22.37 -9.37
CA GLU A 50 -26.80 -22.61 -8.02
C GLU A 50 -26.38 -21.27 -7.41
N THR A 51 -27.09 -20.82 -6.39
CA THR A 51 -26.71 -19.62 -5.63
C THR A 51 -25.42 -19.90 -4.84
N CYS A 52 -24.48 -18.96 -4.85
CA CYS A 52 -23.20 -19.15 -4.16
C CYS A 52 -22.54 -17.82 -3.81
N LEU A 53 -21.51 -17.90 -2.98
CA LEU A 53 -20.82 -16.73 -2.51
C LEU A 53 -19.41 -16.75 -3.08
N LEU A 54 -19.03 -15.65 -3.74
CA LEU A 54 -17.67 -15.46 -4.19
C LEU A 54 -16.93 -14.57 -3.22
N ASP A 55 -15.71 -14.97 -2.87
CA ASP A 55 -14.79 -14.21 -2.05
C ASP A 55 -13.57 -14.02 -2.93
N ILE A 56 -13.25 -12.77 -3.28
CA ILE A 56 -12.22 -12.51 -4.27
C ILE A 56 -11.05 -11.78 -3.63
N LEU A 57 -9.88 -12.40 -3.68
CA LEU A 57 -8.65 -11.78 -3.23
C LEU A 57 -7.94 -11.17 -4.42
N ASP A 58 -7.79 -9.86 -4.38
CA ASP A 58 -7.05 -9.13 -5.36
C ASP A 58 -6.04 -8.31 -4.56
N THR A 59 -4.76 -8.65 -4.68
CA THR A 59 -3.72 -7.91 -3.97
C THR A 59 -3.05 -6.81 -4.83
N ALA A 60 -3.72 -6.37 -5.90
CA ALA A 60 -3.24 -5.27 -6.73
C ALA A 60 -2.62 -4.15 -5.88
N GLY A 61 -1.42 -3.77 -6.25
CA GLY A 61 -0.61 -2.81 -5.50
C GLY A 61 0.47 -3.43 -4.65
N GLN A 62 0.42 -4.73 -4.42
CA GLN A 62 1.38 -5.45 -3.55
C GLN A 62 2.36 -6.36 -4.31
N GLU A 63 2.50 -6.11 -5.61
CA GLU A 63 3.27 -6.96 -6.51
C GLU A 63 4.75 -6.97 -6.12
N GLU A 64 5.24 -5.85 -5.56
CA GLU A 64 6.60 -5.74 -5.06
C GLU A 64 6.88 -6.61 -3.85
N TYR A 65 5.86 -6.97 -3.06
CA TYR A 65 6.06 -7.92 -1.97
C TYR A 65 6.12 -9.33 -2.60
N SER A 66 7.19 -9.62 -3.35
CA SER A 66 7.27 -10.84 -4.17
C SER A 66 7.28 -12.12 -3.32
N ALA A 67 7.80 -12.03 -2.10
CA ALA A 67 7.85 -13.18 -1.22
C ALA A 67 6.54 -13.51 -0.52
N MET A 68 5.50 -12.68 -0.72
CA MET A 68 4.19 -12.92 -0.11
C MET A 68 3.24 -13.63 -1.06
N ARG A 69 3.66 -13.81 -2.31
CA ARG A 69 2.79 -14.42 -3.32
C ARG A 69 2.32 -15.83 -2.91
N ASP A 70 3.24 -16.68 -2.47
CA ASP A 70 2.87 -18.03 -2.02
C ASP A 70 1.76 -17.97 -0.98
N GLN A 71 1.97 -17.15 0.05
CA GLN A 71 0.98 -16.96 1.12
C GLN A 71 -0.39 -16.60 0.55
N TYR A 72 -0.44 -15.62 -0.35
CA TYR A 72 -1.72 -15.13 -0.89
C TYR A 72 -2.36 -16.21 -1.79
N MET A 73 -1.54 -16.83 -2.63
CA MET A 73 -2.01 -17.88 -3.53
C MET A 73 -2.56 -19.09 -2.80
N ARG A 74 -1.93 -19.50 -1.69
CA ARG A 74 -2.44 -20.65 -0.92
C ARG A 74 -3.90 -20.45 -0.45
N THR A 75 -4.35 -19.21 -0.25
CA THR A 75 -5.76 -18.99 0.18
C THR A 75 -6.83 -19.37 -0.86
N GLY A 76 -6.48 -19.51 -2.14
CA GLY A 76 -7.44 -19.75 -3.23
C GLY A 76 -7.74 -21.19 -3.61
N GLU A 77 -8.98 -21.43 -4.04
CA GLU A 77 -9.39 -22.67 -4.72
C GLU A 77 -9.30 -22.52 -6.22
N GLY A 78 -9.47 -21.28 -6.69
CA GLY A 78 -9.49 -20.99 -8.11
C GLY A 78 -8.76 -19.70 -8.39
N PHE A 79 -8.16 -19.62 -9.58
CA PHE A 79 -7.28 -18.50 -9.94
C PHE A 79 -7.66 -17.88 -11.28
N LEU A 80 -7.72 -16.56 -11.31
CA LEU A 80 -7.73 -15.82 -12.55
C LEU A 80 -6.34 -15.30 -12.76
N CYS A 81 -5.73 -15.68 -13.88
CA CYS A 81 -4.43 -15.21 -14.30
C CYS A 81 -4.67 -14.16 -15.34
N VAL A 82 -4.36 -12.91 -15.01
CA VAL A 82 -4.76 -11.76 -15.78
C VAL A 82 -3.56 -11.07 -16.43
N PHE A 83 -3.71 -10.73 -17.71
CA PHE A 83 -2.75 -9.92 -18.43
C PHE A 83 -3.50 -8.84 -19.15
N ALA A 84 -2.80 -7.79 -19.56
CA ALA A 84 -3.37 -6.69 -20.33
C ALA A 84 -3.03 -6.92 -21.79
N ILE A 85 -4.02 -6.80 -22.67
CA ILE A 85 -3.85 -7.10 -24.12
C ILE A 85 -2.94 -6.12 -24.86
N ASN A 86 -2.61 -4.99 -24.23
CA ASN A 86 -1.60 -4.03 -24.74
C ASN A 86 -0.23 -4.07 -24.02
N ASN A 87 0.01 -5.12 -23.26
CA ASN A 87 1.28 -5.30 -22.56
C ASN A 87 1.77 -6.76 -22.74
N THR A 88 2.64 -6.93 -23.72
CA THR A 88 3.21 -8.24 -24.07
C THR A 88 3.90 -8.91 -22.88
N LYS A 89 4.67 -8.14 -22.10
CA LYS A 89 5.36 -8.65 -20.92
C LYS A 89 4.40 -9.31 -19.91
N SER A 90 3.26 -8.68 -19.65
CA SER A 90 2.29 -9.26 -18.72
C SER A 90 1.73 -10.57 -19.25
N PHE A 91 1.69 -10.72 -20.56
CA PHE A 91 1.29 -11.96 -21.19
C PHE A 91 2.37 -13.07 -21.06
N GLU A 92 3.62 -12.69 -21.28
CA GLU A 92 4.76 -13.63 -21.15
C GLU A 92 5.03 -14.07 -19.70
N ASP A 93 4.59 -13.26 -18.73
CA ASP A 93 4.69 -13.59 -17.30
C ASP A 93 3.66 -14.61 -16.84
N ILE A 94 2.57 -14.80 -17.58
CA ILE A 94 1.56 -15.78 -17.22
C ILE A 94 2.15 -17.17 -16.93
N HIS A 95 3.06 -17.65 -17.77
CA HIS A 95 3.64 -19.00 -17.57
CA HIS A 95 3.61 -19.00 -17.56
C HIS A 95 4.18 -19.14 -16.16
N HIS A 96 4.85 -18.07 -15.67
CA HIS A 96 5.43 -18.06 -14.32
C HIS A 96 4.40 -18.10 -13.20
N TYR A 97 3.33 -17.30 -13.30
CA TYR A 97 2.26 -17.32 -12.31
C TYR A 97 1.60 -18.69 -12.23
N ARG A 98 1.34 -19.29 -13.38
CA ARG A 98 0.74 -20.62 -13.43
C ARG A 98 1.63 -21.66 -12.73
N GLU A 99 2.93 -21.65 -13.00
CA GLU A 99 3.88 -22.59 -12.37
C GLU A 99 3.88 -22.42 -10.84
N GLN A 100 3.78 -21.17 -10.40
CA GLN A 100 3.84 -20.88 -8.97
C GLN A 100 2.55 -21.37 -8.30
N ILE A 101 1.40 -21.12 -8.92
CA ILE A 101 0.14 -21.64 -8.42
C ILE A 101 0.18 -23.16 -8.32
N LYS A 102 0.66 -23.85 -9.34
CA LYS A 102 0.73 -25.33 -9.28
C LYS A 102 1.61 -25.82 -8.15
N ARG A 103 2.71 -25.12 -7.91
CA ARG A 103 3.62 -25.45 -6.81
C ARG A 103 3.00 -25.15 -5.44
N VAL A 104 2.35 -23.99 -5.31
CA VAL A 104 1.72 -23.64 -4.02
C VAL A 104 0.58 -24.60 -3.66
N LYS A 105 -0.25 -24.96 -4.63
CA LYS A 105 -1.38 -25.88 -4.42
C LYS A 105 -0.97 -27.35 -4.51
N ASP A 106 0.29 -27.62 -4.84
CA ASP A 106 0.86 -28.96 -4.92
C ASP A 106 -0.04 -29.87 -5.77
N SER A 107 -0.30 -29.39 -6.98
CA SER A 107 -1.25 -30.04 -7.87
C SER A 107 -1.02 -29.57 -9.32
N GLU A 108 -1.08 -30.52 -10.25
CA GLU A 108 -0.89 -30.25 -11.68
C GLU A 108 -2.18 -29.76 -12.31
N ASP A 109 -3.30 -29.91 -11.61
CA ASP A 109 -4.63 -29.60 -12.13
C ASP A 109 -5.37 -28.69 -11.15
N VAL A 110 -5.14 -27.39 -11.29
CA VAL A 110 -5.70 -26.39 -10.38
C VAL A 110 -6.70 -25.56 -11.16
N PRO A 111 -7.92 -25.39 -10.63
CA PRO A 111 -8.91 -24.54 -11.32
C PRO A 111 -8.37 -23.14 -11.65
N MET A 112 -8.47 -22.75 -12.92
CA MET A 112 -7.73 -21.62 -13.46
C MET A 112 -8.34 -21.12 -14.78
N VAL A 113 -8.39 -19.81 -14.96
CA VAL A 113 -8.79 -19.22 -16.23
C VAL A 113 -7.77 -18.16 -16.60
N LEU A 114 -7.52 -18.01 -17.90
CA LEU A 114 -6.67 -16.96 -18.42
C LEU A 114 -7.56 -15.80 -18.80
N VAL A 115 -7.24 -14.60 -18.33
CA VAL A 115 -8.01 -13.39 -18.67
C VAL A 115 -7.15 -12.31 -19.33
N GLY A 116 -7.55 -11.89 -20.52
CA GLY A 116 -6.90 -10.78 -21.20
C GLY A 116 -7.80 -9.56 -21.05
N ASN A 117 -7.30 -8.51 -20.41
CA ASN A 117 -8.13 -7.34 -20.17
C ASN A 117 -7.74 -6.19 -21.10
N LYS A 118 -8.75 -5.53 -21.63
CA LYS A 118 -8.59 -4.34 -22.44
C LYS A 118 -9.08 -3.13 -21.61
N SER A 119 -8.20 -2.17 -21.35
CA SER A 119 -8.59 -0.90 -20.72
C SER A 119 -8.49 0.21 -21.76
N ASP A 120 -7.47 1.05 -21.67
CA ASP A 120 -7.29 2.15 -22.62
C ASP A 120 -5.94 1.96 -23.32
N LEU A 121 -5.60 2.88 -24.21
CA LEU A 121 -4.38 2.76 -25.02
C LEU A 121 -3.08 2.70 -24.15
N PRO A 122 -1.94 2.20 -24.66
CA PRO A 122 -1.68 1.84 -26.07
C PRO A 122 -2.55 0.71 -26.66
N SER A 123 -2.55 0.60 -27.98
CA SER A 123 -3.35 -0.39 -28.67
C SER A 123 -2.83 -1.82 -28.41
N ARG A 124 -3.65 -2.77 -28.81
CA ARG A 124 -3.39 -4.20 -28.63
C ARG A 124 -2.03 -4.66 -29.17
N THR A 125 -1.35 -5.48 -28.39
CA THR A 125 -0.14 -6.18 -28.84
C THR A 125 -0.23 -7.70 -28.71
N VAL A 126 -1.28 -8.21 -28.07
CA VAL A 126 -1.50 -9.63 -27.90
C VAL A 126 -2.82 -9.96 -28.60
N GLU A 127 -2.73 -10.60 -29.75
CA GLU A 127 -3.94 -11.05 -30.44
C GLU A 127 -4.60 -12.15 -29.63
N SER A 128 -5.91 -12.20 -29.70
CA SER A 128 -6.65 -13.16 -28.92
C SER A 128 -6.28 -14.58 -29.34
N ARG A 129 -5.90 -14.79 -30.59
CA ARG A 129 -5.42 -16.10 -31.02
C ARG A 129 -4.21 -16.57 -30.20
N GLN A 130 -3.26 -15.67 -29.92
CA GLN A 130 -2.08 -16.03 -29.17
C GLN A 130 -2.48 -16.54 -27.79
N ALA A 131 -3.47 -15.89 -27.20
CA ALA A 131 -3.97 -16.23 -25.87
C ALA A 131 -4.77 -17.52 -25.86
N GLN A 132 -5.64 -17.72 -26.85
CA GLN A 132 -6.35 -19.00 -27.01
C GLN A 132 -5.37 -20.15 -27.12
N ASP A 133 -4.28 -19.95 -27.87
CA ASP A 133 -3.25 -20.99 -28.04
C ASP A 133 -2.55 -21.32 -26.70
N LEU A 134 -2.21 -20.29 -25.93
CA LEU A 134 -1.58 -20.49 -24.63
C LEU A 134 -2.55 -21.22 -23.70
N ALA A 135 -3.78 -20.72 -23.65
CA ALA A 135 -4.80 -21.30 -22.79
C ALA A 135 -5.00 -22.76 -23.11
N ARG A 136 -5.07 -23.04 -24.40
CA ARG A 136 -5.25 -24.41 -24.87
C ARG A 136 -4.05 -25.32 -24.47
N SER A 137 -2.83 -24.79 -24.51
CA SER A 137 -1.65 -25.59 -24.13
C SER A 137 -1.69 -25.97 -22.64
N TYR A 138 -2.32 -25.10 -21.84
CA TYR A 138 -2.53 -25.35 -20.41
C TYR A 138 -3.78 -26.18 -20.05
N GLY A 139 -4.70 -26.40 -20.99
CA GLY A 139 -5.98 -27.02 -20.69
C GLY A 139 -6.93 -26.16 -19.87
N ILE A 140 -6.89 -24.83 -20.07
CA ILE A 140 -7.75 -23.89 -19.33
C ILE A 140 -8.52 -22.92 -20.24
N PRO A 141 -9.65 -22.39 -19.74
CA PRO A 141 -10.40 -21.41 -20.55
C PRO A 141 -9.68 -20.08 -20.71
N PHE A 142 -9.92 -19.42 -21.84
CA PHE A 142 -9.52 -18.05 -22.04
C PHE A 142 -10.78 -17.17 -22.13
N ILE A 143 -10.78 -16.04 -21.43
CA ILE A 143 -11.85 -15.03 -21.50
C ILE A 143 -11.18 -13.67 -21.73
N GLU A 144 -11.71 -12.92 -22.68
CA GLU A 144 -11.25 -11.56 -22.93
C GLU A 144 -12.29 -10.58 -22.39
N THR A 145 -11.82 -9.55 -21.68
CA THR A 145 -12.71 -8.59 -21.00
C THR A 145 -12.36 -7.17 -21.35
N SER A 146 -13.36 -6.30 -21.24
CA SER A 146 -13.18 -4.87 -21.27
C SER A 146 -13.71 -4.26 -19.97
N ALA A 147 -12.76 -3.95 -19.08
CA ALA A 147 -12.91 -3.06 -17.91
C ALA A 147 -14.05 -2.03 -18.01
N LYS A 148 -13.76 -0.96 -18.75
CA LYS A 148 -14.66 0.18 -18.98
C LYS A 148 -16.12 -0.13 -19.42
N THR A 149 -16.32 -1.19 -20.21
CA THR A 149 -17.65 -1.53 -20.75
C THR A 149 -18.36 -2.64 -20.02
N ARG A 150 -17.73 -3.21 -18.99
CA ARG A 150 -18.21 -4.41 -18.28
C ARG A 150 -18.23 -5.71 -19.12
N GLN A 151 -17.85 -5.67 -20.39
CA GLN A 151 -17.92 -6.84 -21.25
C GLN A 151 -16.94 -7.92 -20.79
N GLY A 152 -17.43 -9.16 -20.68
CA GLY A 152 -16.59 -10.30 -20.33
C GLY A 152 -16.41 -10.59 -18.85
N VAL A 153 -16.80 -9.64 -17.98
CA VAL A 153 -16.37 -9.69 -16.57
C VAL A 153 -17.03 -10.85 -15.83
N ASP A 154 -18.36 -10.90 -15.87
CA ASP A 154 -19.14 -12.03 -15.33
C ASP A 154 -18.67 -13.36 -15.93
N ASP A 155 -18.46 -13.38 -17.25
CA ASP A 155 -18.03 -14.59 -17.93
C ASP A 155 -16.73 -15.13 -17.35
N ALA A 156 -15.79 -14.24 -17.02
CA ALA A 156 -14.48 -14.65 -16.52
C ALA A 156 -14.57 -15.33 -15.16
N PHE A 157 -15.30 -14.68 -14.25
CA PHE A 157 -15.51 -15.20 -12.90
C PHE A 157 -16.40 -16.45 -12.89
N TYR A 158 -17.51 -16.43 -13.64
CA TYR A 158 -18.43 -17.57 -13.65
C TYR A 158 -17.77 -18.81 -14.26
N THR A 159 -16.96 -18.61 -15.28
CA THR A 159 -16.21 -19.67 -15.90
C THR A 159 -15.25 -20.33 -14.92
N LEU A 160 -14.62 -19.52 -14.08
CA LEU A 160 -13.73 -20.07 -13.05
C LEU A 160 -14.47 -20.91 -12.02
N VAL A 161 -15.62 -20.41 -11.58
CA VAL A 161 -16.49 -21.18 -10.69
C VAL A 161 -16.89 -22.50 -11.33
N ARG A 162 -17.24 -22.49 -12.61
CA ARG A 162 -17.58 -23.73 -13.33
C ARG A 162 -16.37 -24.68 -13.35
N GLU A 163 -15.17 -24.11 -13.51
CA GLU A 163 -13.92 -24.89 -13.46
C GLU A 163 -13.70 -25.56 -12.11
N ILE A 164 -14.03 -24.85 -11.03
CA ILE A 164 -13.96 -25.41 -9.68
C ILE A 164 -15.00 -26.51 -9.47
N ARG A 165 -16.22 -26.30 -9.96
CA ARG A 165 -17.26 -27.33 -9.84
C ARG A 165 -16.89 -28.63 -10.60
N LYS A 166 -16.39 -28.50 -11.83
CA LYS A 166 -15.87 -29.64 -12.61
C LYS A 166 -14.69 -30.32 -11.92
N HIS A 167 -13.83 -29.54 -11.28
CA HIS A 167 -12.72 -30.09 -10.49
C HIS A 167 -13.21 -30.85 -9.25
N LYS A 168 -14.18 -30.31 -8.53
CA LYS A 168 -14.72 -30.96 -7.31
C LYS A 168 -15.52 -32.25 -7.57
N GLU A 169 -16.13 -32.38 -8.76
CA GLU A 169 -16.87 -33.61 -9.13
C GLU A 169 -15.90 -34.81 -9.21
N LYS A 170 -15.19 -34.99 -10.33
CA LYS A 170 -14.16 -36.02 -10.51
C LYS A 170 -14.41 -37.37 -9.80
N GLU B 3 -29.52 41.32 3.78
CA GLU B 3 -28.18 41.95 3.55
C GLU B 3 -27.14 40.88 3.17
N GLN B 4 -26.91 40.72 1.86
CA GLN B 4 -25.93 39.75 1.34
C GLN B 4 -24.52 40.35 1.31
N MET B 5 -24.05 40.84 0.15
CA MET B 5 -22.67 41.35 0.02
C MET B 5 -22.38 42.10 -1.29
N ARG B 6 -22.74 41.46 -2.42
CA ARG B 6 -22.53 42.03 -3.77
C ARG B 6 -21.04 42.05 -4.14
N LEU B 7 -20.64 41.05 -4.91
CA LEU B 7 -19.25 40.86 -5.34
C LEU B 7 -19.13 41.52 -6.72
N PRO B 8 -17.95 41.42 -7.39
CA PRO B 8 -17.88 41.90 -8.77
C PRO B 8 -18.58 40.94 -9.75
N SER B 9 -18.69 41.36 -11.00
CA SER B 9 -19.25 40.49 -12.05
C SER B 9 -18.37 39.25 -12.24
N ALA B 10 -18.98 38.13 -12.63
CA ALA B 10 -18.26 36.90 -12.93
C ALA B 10 -17.33 37.02 -14.15
N ASP B 11 -17.61 38.00 -15.02
CA ASP B 11 -16.76 38.33 -16.17
C ASP B 11 -15.41 38.93 -15.76
N VAL B 12 -15.39 39.71 -14.67
CA VAL B 12 -14.18 40.39 -14.17
C VAL B 12 -13.47 39.59 -13.04
N TYR B 13 -14.19 38.65 -12.42
CA TYR B 13 -13.65 37.84 -11.33
C TYR B 13 -14.38 36.48 -11.29
N ARG B 14 -13.70 35.40 -11.70
CA ARG B 14 -14.35 34.11 -11.94
C ARG B 14 -15.00 33.46 -10.70
N PHE B 15 -14.51 33.80 -9.51
CA PHE B 15 -14.99 33.18 -8.26
C PHE B 15 -16.28 33.79 -7.72
N ALA B 16 -16.74 34.88 -8.33
CA ALA B 16 -18.02 35.51 -7.97
C ALA B 16 -19.23 34.68 -8.41
N GLU B 17 -19.04 33.76 -9.36
CA GLU B 17 -20.13 32.94 -9.90
C GLU B 17 -20.90 32.25 -8.75
N PRO B 18 -22.25 32.28 -8.78
CA PRO B 18 -22.98 31.61 -7.69
C PRO B 18 -22.82 30.08 -7.67
N ASP B 19 -23.03 29.48 -6.50
CA ASP B 19 -23.11 28.03 -6.38
C ASP B 19 -24.38 27.53 -7.09
N SER B 20 -24.24 26.43 -7.83
CA SER B 20 -25.39 25.71 -8.41
C SER B 20 -25.09 24.22 -8.48
N GLU B 21 -26.10 23.45 -8.87
CA GLU B 21 -25.93 22.01 -9.17
C GLU B 21 -24.92 21.73 -10.28
N GLU B 22 -24.63 22.72 -11.14
CA GLU B 22 -23.65 22.56 -12.23
C GLU B 22 -22.19 22.87 -11.89
N ASN B 23 -21.91 23.42 -10.72
CA ASN B 23 -20.52 23.73 -10.36
C ASN B 23 -20.03 23.21 -9.01
N ILE B 24 -20.93 22.84 -8.10
CA ILE B 24 -20.53 22.33 -6.79
C ILE B 24 -21.65 21.48 -6.18
N ILE B 25 -21.29 20.32 -5.63
CA ILE B 25 -22.24 19.43 -4.94
C ILE B 25 -21.59 18.85 -3.68
N PHE B 26 -22.46 18.46 -2.74
CA PHE B 26 -22.08 18.14 -1.39
C PHE B 26 -22.54 16.75 -0.99
N GLU B 27 -21.84 16.15 -0.04
CA GLU B 27 -22.30 14.92 0.62
C GLU B 27 -23.40 15.28 1.62
N GLU B 28 -24.20 14.29 2.03
CA GLU B 28 -25.23 14.47 3.09
CA GLU B 28 -25.23 14.52 3.08
C GLU B 28 -24.65 14.92 4.46
N ASN B 29 -23.65 14.18 4.96
N ASN B 29 -23.66 14.17 4.96
CA ASN B 29 -23.06 14.38 6.30
CA ASN B 29 -23.07 14.39 6.29
C ASN B 29 -22.19 15.66 6.40
C ASN B 29 -22.19 15.67 6.38
N MET B 30 -21.97 16.14 7.62
CA MET B 30 -21.17 17.37 7.90
C MET B 30 -19.80 17.10 8.53
N GLN B 31 -18.85 18.02 8.28
CA GLN B 31 -17.42 17.78 8.55
C GLN B 31 -17.20 17.53 10.03
N PRO B 32 -16.52 16.42 10.39
CA PRO B 32 -16.34 16.10 11.80
C PRO B 32 -15.57 17.18 12.58
N LYS B 33 -15.99 17.42 13.82
CA LYS B 33 -15.46 18.47 14.72
C LYS B 33 -15.91 19.92 14.38
N ALA B 34 -16.10 20.21 13.08
CA ALA B 34 -16.15 21.59 12.57
C ALA B 34 -17.48 22.11 12.00
N GLY B 35 -18.44 21.25 11.70
CA GLY B 35 -19.75 21.69 11.19
C GLY B 35 -19.80 22.29 9.79
N ILE B 36 -18.75 22.07 9.01
CA ILE B 36 -18.59 22.58 7.64
C ILE B 36 -19.20 21.57 6.66
N PRO B 37 -19.82 22.03 5.55
CA PRO B 37 -20.28 21.06 4.54
C PRO B 37 -19.15 20.26 3.89
N ILE B 38 -19.39 18.97 3.65
CA ILE B 38 -18.41 18.12 2.97
C ILE B 38 -18.60 18.22 1.46
N ILE B 39 -17.59 18.74 0.77
CA ILE B 39 -17.65 18.86 -0.68
C ILE B 39 -17.49 17.49 -1.34
N LYS B 40 -18.43 17.14 -2.22
CA LYS B 40 -18.39 15.89 -2.97
C LYS B 40 -17.68 16.08 -4.32
N ALA B 41 -18.08 17.13 -5.03
CA ALA B 41 -17.50 17.46 -6.31
C ALA B 41 -17.68 18.92 -6.64
N GLY B 42 -16.79 19.42 -7.51
CA GLY B 42 -16.95 20.77 -8.03
C GLY B 42 -16.01 21.04 -9.18
N THR B 43 -16.24 22.17 -9.84
CA THR B 43 -15.31 22.66 -10.85
C THR B 43 -14.05 23.10 -10.12
N VAL B 44 -12.92 23.17 -10.81
CA VAL B 44 -11.67 23.57 -10.15
C VAL B 44 -11.79 24.99 -9.57
N ILE B 45 -12.45 25.90 -10.29
CA ILE B 45 -12.78 27.26 -9.78
C ILE B 45 -13.50 27.21 -8.43
N LYS B 46 -14.52 26.36 -8.32
CA LYS B 46 -15.28 26.21 -7.08
C LYS B 46 -14.48 25.56 -5.99
N LEU B 47 -13.66 24.56 -6.33
CA LEU B 47 -12.77 23.97 -5.32
C LEU B 47 -11.80 25.02 -4.76
N ILE B 48 -11.28 25.87 -5.63
CA ILE B 48 -10.34 26.91 -5.20
C ILE B 48 -11.04 28.01 -4.40
N GLU B 49 -12.24 28.41 -4.82
CA GLU B 49 -13.09 29.29 -4.00
C GLU B 49 -13.25 28.78 -2.57
N ARG B 50 -13.57 27.49 -2.44
CA ARG B 50 -13.78 26.86 -1.12
C ARG B 50 -12.51 26.60 -0.33
N LEU B 51 -11.40 26.36 -1.03
CA LEU B 51 -10.07 26.26 -0.44
C LEU B 51 -9.67 27.55 0.27
N THR B 52 -10.25 28.66 -0.18
CA THR B 52 -9.95 29.97 0.31
C THR B 52 -11.25 30.72 0.59
N TYR B 53 -12.18 30.07 1.29
CA TYR B 53 -13.55 30.57 1.46
C TYR B 53 -13.58 31.71 2.46
N HIS B 54 -14.43 32.71 2.21
CA HIS B 54 -14.47 33.89 3.06
C HIS B 54 -15.17 33.66 4.40
N MET B 55 -16.20 32.82 4.43
CA MET B 55 -17.01 32.66 5.66
C MET B 55 -16.26 31.95 6.82
N TYR B 56 -15.35 31.03 6.49
CA TYR B 56 -14.62 30.27 7.52
C TYR B 56 -13.37 29.61 6.96
N ALA B 57 -12.49 29.19 7.86
CA ALA B 57 -11.32 28.41 7.50
C ALA B 57 -11.71 26.94 7.41
N ASP B 58 -10.98 26.19 6.57
CA ASP B 58 -11.25 24.76 6.33
C ASP B 58 -9.91 23.99 6.30
N PRO B 59 -9.25 23.82 7.45
CA PRO B 59 -7.96 23.12 7.46
C PRO B 59 -8.01 21.72 6.82
N ASN B 60 -9.07 20.97 7.10
CA ASN B 60 -9.22 19.65 6.50
C ASN B 60 -9.20 19.65 5.00
N PHE B 61 -9.95 20.58 4.43
CA PHE B 61 -10.04 20.69 2.99
C PHE B 61 -8.70 21.13 2.41
N VAL B 62 -8.01 22.05 3.10
CA VAL B 62 -6.70 22.53 2.66
C VAL B 62 -5.70 21.37 2.56
N ARG B 63 -5.56 20.62 3.64
CA ARG B 63 -4.67 19.44 3.70
C ARG B 63 -5.01 18.43 2.62
N THR B 64 -6.29 18.10 2.52
CA THR B 64 -6.78 17.10 1.57
C THR B 64 -6.49 17.56 0.15
N PHE B 65 -6.84 18.82 -0.14
CA PHE B 65 -6.62 19.40 -1.45
C PHE B 65 -5.14 19.41 -1.82
N LEU B 66 -4.30 19.91 -0.92
CA LEU B 66 -2.87 20.05 -1.20
C LEU B 66 -2.15 18.70 -1.33
N THR B 67 -2.68 17.68 -0.66
CA THR B 67 -2.15 16.32 -0.78
C THR B 67 -2.52 15.68 -2.13
N THR B 68 -3.68 16.01 -2.68
CA THR B 68 -4.25 15.24 -3.80
C THR B 68 -4.52 15.97 -5.12
N TYR B 69 -4.23 17.27 -5.20
CA TYR B 69 -4.71 18.09 -6.33
C TYR B 69 -4.11 17.74 -7.69
N ARG B 70 -2.95 17.09 -7.68
CA ARG B 70 -2.13 16.97 -8.88
C ARG B 70 -2.72 16.07 -9.97
N SER B 71 -3.63 15.17 -9.61
CA SER B 71 -4.40 14.39 -10.60
C SER B 71 -5.32 15.27 -11.48
N PHE B 72 -5.78 16.41 -10.96
CA PHE B 72 -6.70 17.28 -11.72
C PHE B 72 -6.23 18.70 -12.01
N CYS B 73 -5.10 19.12 -11.44
CA CYS B 73 -4.60 20.49 -11.61
C CYS B 73 -3.09 20.45 -11.48
N LYS B 74 -2.38 21.03 -12.44
CA LYS B 74 -0.94 21.11 -12.36
C LYS B 74 -0.52 22.15 -11.31
N PRO B 75 0.66 21.96 -10.70
CA PRO B 75 1.15 22.94 -9.74
C PRO B 75 1.17 24.41 -10.24
N GLN B 76 1.68 24.63 -11.44
CA GLN B 76 1.71 25.97 -12.04
C GLN B 76 0.29 26.55 -12.17
N GLU B 77 -0.67 25.71 -12.57
CA GLU B 77 -2.07 26.10 -12.72
C GLU B 77 -2.66 26.49 -11.36
N LEU B 78 -2.35 25.72 -10.32
CA LEU B 78 -2.82 26.01 -8.97
C LEU B 78 -2.34 27.38 -8.47
N LEU B 79 -1.04 27.63 -8.62
CA LEU B 79 -0.46 28.92 -8.24
C LEU B 79 -1.11 30.07 -9.00
N SER B 80 -1.35 29.87 -10.31
CA SER B 80 -2.05 30.88 -11.12
C SER B 80 -3.44 31.16 -10.59
N LEU B 81 -4.16 30.09 -10.25
CA LEU B 81 -5.51 30.20 -9.74
C LEU B 81 -5.60 30.92 -8.40
N ILE B 82 -4.70 30.62 -7.46
CA ILE B 82 -4.75 31.29 -6.15
C ILE B 82 -4.29 32.76 -6.22
N ILE B 83 -3.46 33.09 -7.19
CA ILE B 83 -3.07 34.48 -7.45
C ILE B 83 -4.28 35.23 -8.02
N GLU B 84 -4.97 34.60 -8.97
CA GLU B 84 -6.22 35.12 -9.49
C GLU B 84 -7.25 35.33 -8.38
N ARG B 85 -7.43 34.31 -7.54
CA ARG B 85 -8.29 34.41 -6.35
C ARG B 85 -7.94 35.62 -5.48
N PHE B 86 -6.64 35.79 -5.20
CA PHE B 86 -6.12 36.86 -4.34
C PHE B 86 -6.44 38.26 -4.87
N GLU B 87 -6.36 38.42 -6.19
CA GLU B 87 -6.47 39.73 -6.84
C GLU B 87 -7.94 40.11 -7.07
N ILE B 88 -8.57 40.61 -6.01
CA ILE B 88 -9.99 40.84 -5.99
C ILE B 88 -10.24 42.30 -6.35
N PRO B 89 -10.92 42.56 -7.48
CA PRO B 89 -11.32 43.95 -7.76
C PRO B 89 -12.50 44.39 -6.89
N GLU B 90 -12.81 45.67 -6.92
CA GLU B 90 -13.94 46.22 -6.17
C GLU B 90 -15.12 46.38 -7.15
N PRO B 91 -16.37 46.17 -6.68
CA PRO B 91 -17.56 46.48 -7.50
C PRO B 91 -17.65 47.93 -7.99
N SER B 109 -18.80 55.05 2.83
CA SER B 109 -18.63 53.96 1.87
C SER B 109 -19.08 52.63 2.47
N ALA B 110 -20.37 52.56 2.78
CA ALA B 110 -20.97 51.45 3.54
C ALA B 110 -20.71 50.04 2.96
N GLU B 111 -20.97 49.90 1.66
CA GLU B 111 -20.84 48.61 0.96
C GLU B 111 -19.37 48.23 0.81
N LEU B 112 -18.50 49.23 0.70
CA LEU B 112 -17.10 49.03 0.34
C LEU B 112 -16.24 48.66 1.55
N LYS B 113 -16.37 49.41 2.65
CA LYS B 113 -15.66 49.08 3.89
C LYS B 113 -15.99 47.66 4.34
N ARG B 114 -17.28 47.30 4.25
CA ARG B 114 -17.76 45.97 4.59
C ARG B 114 -17.17 44.92 3.65
N PHE B 115 -17.09 45.25 2.37
CA PHE B 115 -16.56 44.34 1.37
C PHE B 115 -15.05 44.09 1.53
N ARG B 116 -14.27 45.15 1.82
CA ARG B 116 -12.84 45.00 2.11
C ARG B 116 -12.59 44.12 3.33
N LYS B 117 -13.39 44.33 4.38
CA LYS B 117 -13.17 43.69 5.67
C LYS B 117 -13.71 42.27 5.79
N GLU B 118 -14.85 41.99 5.16
CA GLU B 118 -15.53 40.68 5.24
C GLU B 118 -15.38 39.76 4.03
N TYR B 119 -14.89 40.28 2.89
CA TYR B 119 -14.59 39.44 1.72
C TYR B 119 -13.11 39.48 1.36
N ILE B 120 -12.60 40.66 1.01
CA ILE B 120 -11.25 40.73 0.43
C ILE B 120 -10.20 40.27 1.43
N GLN B 121 -10.27 40.77 2.66
CA GLN B 121 -9.22 40.48 3.63
C GLN B 121 -9.24 39.01 4.08
N PRO B 122 -10.42 38.47 4.47
CA PRO B 122 -10.49 37.03 4.75
C PRO B 122 -9.95 36.14 3.64
N VAL B 123 -10.37 36.40 2.41
CA VAL B 123 -9.94 35.59 1.26
C VAL B 123 -8.45 35.70 1.04
N GLN B 124 -7.90 36.91 1.14
CA GLN B 124 -6.46 37.10 0.96
C GLN B 124 -5.69 36.36 2.04
N LEU B 125 -6.13 36.48 3.29
CA LEU B 125 -5.54 35.69 4.36
C LEU B 125 -5.56 34.21 4.08
N ARG B 126 -6.66 33.70 3.53
CA ARG B 126 -6.77 32.26 3.28
C ARG B 126 -5.81 31.81 2.19
N VAL B 127 -5.67 32.60 1.14
CA VAL B 127 -4.70 32.32 0.09
C VAL B 127 -3.30 32.23 0.72
N LEU B 128 -2.97 33.19 1.57
CA LEU B 128 -1.66 33.18 2.23
C LEU B 128 -1.44 31.91 3.04
N ASN B 129 -2.50 31.47 3.71
CA ASN B 129 -2.49 30.22 4.47
C ASN B 129 -2.29 28.97 3.59
N VAL B 130 -2.87 28.98 2.40
CA VAL B 130 -2.63 27.92 1.42
C VAL B 130 -1.16 27.91 1.01
N CYS B 131 -0.64 29.07 0.69
CA CYS B 131 0.77 29.23 0.31
C CYS B 131 1.70 28.68 1.41
N ARG B 132 1.44 29.09 2.65
CA ARG B 132 2.18 28.60 3.81
C ARG B 132 2.13 27.07 3.90
N HIS B 133 0.94 26.48 3.77
CA HIS B 133 0.79 25.01 3.91
C HIS B 133 1.48 24.27 2.77
N TRP B 134 1.38 24.85 1.57
CA TRP B 134 1.93 24.30 0.36
C TRP B 134 3.45 24.16 0.49
N VAL B 135 4.05 25.25 0.91
CA VAL B 135 5.49 25.35 1.04
C VAL B 135 6.00 24.53 2.27
N GLU B 136 5.21 24.47 3.35
CA GLU B 136 5.64 23.77 4.55
C GLU B 136 5.56 22.26 4.35
N HIS B 137 4.44 21.78 3.81
CA HIS B 137 4.15 20.35 3.79
C HIS B 137 4.29 19.66 2.44
N HIS B 138 4.37 20.44 1.35
CA HIS B 138 4.46 19.88 0.01
C HIS B 138 5.53 20.60 -0.79
N PHE B 139 6.68 20.81 -0.18
CA PHE B 139 7.75 21.58 -0.80
C PHE B 139 8.32 20.89 -2.07
N TYR B 140 8.10 19.59 -2.21
CA TYR B 140 8.54 18.85 -3.39
C TYR B 140 8.07 19.42 -4.74
N ASP B 141 6.90 20.04 -4.75
CA ASP B 141 6.43 20.73 -5.94
C ASP B 141 7.44 21.76 -6.39
N PHE B 142 8.04 22.46 -5.42
CA PHE B 142 9.01 23.51 -5.70
C PHE B 142 10.42 22.98 -5.99
N GLU B 143 10.84 21.91 -5.30
CA GLU B 143 12.13 21.25 -5.57
C GLU B 143 12.19 20.75 -7.00
N ARG B 144 11.04 20.36 -7.55
CA ARG B 144 10.94 19.74 -8.87
C ARG B 144 10.68 20.71 -10.02
N ASP B 145 10.32 21.94 -9.68
CA ASP B 145 9.99 22.98 -10.65
C ASP B 145 10.45 24.30 -10.03
N ALA B 146 11.68 24.69 -10.32
CA ALA B 146 12.26 25.92 -9.81
C ALA B 146 11.48 27.17 -10.25
N TYR B 147 10.88 27.15 -11.45
CA TYR B 147 10.11 28.28 -11.93
C TYR B 147 8.87 28.49 -11.04
N LEU B 148 8.27 27.39 -10.58
CA LEU B 148 7.16 27.47 -9.62
C LEU B 148 7.56 28.18 -8.35
N LEU B 149 8.77 27.94 -7.87
CA LEU B 149 9.26 28.65 -6.69
C LEU B 149 9.52 30.11 -7.04
N GLN B 150 10.09 30.36 -8.22
CA GLN B 150 10.29 31.74 -8.69
C GLN B 150 8.99 32.54 -8.63
N ARG B 151 7.92 31.99 -9.19
CA ARG B 151 6.61 32.64 -9.21
C ARG B 151 6.05 32.83 -7.82
N MET B 152 6.14 31.79 -6.97
CA MET B 152 5.72 31.93 -5.57
C MET B 152 6.44 33.09 -4.87
N GLU B 153 7.76 33.19 -5.07
CA GLU B 153 8.55 34.20 -4.39
C GLU B 153 8.20 35.61 -4.85
N GLU B 154 8.04 35.81 -6.16
CA GLU B 154 7.66 37.15 -6.67
C GLU B 154 6.19 37.50 -6.41
N PHE B 155 5.32 36.50 -6.26
CA PHE B 155 3.96 36.76 -5.75
C PHE B 155 4.03 37.24 -4.31
N ILE B 156 4.74 36.50 -3.47
CA ILE B 156 4.85 36.85 -2.04
C ILE B 156 5.46 38.25 -1.82
N GLY B 157 6.49 38.59 -2.60
CA GLY B 157 7.08 39.93 -2.56
C GLY B 157 6.14 41.05 -2.99
N THR B 158 5.12 40.69 -3.76
CA THR B 158 4.09 41.61 -4.24
C THR B 158 3.10 42.02 -3.15
N VAL B 159 2.93 41.19 -2.12
CA VAL B 159 1.83 41.33 -1.16
C VAL B 159 2.04 42.50 -0.20
N ARG B 160 1.03 43.35 -0.08
CA ARG B 160 1.22 44.72 0.39
C ARG B 160 0.84 44.95 1.86
N GLY B 161 -0.40 44.61 2.21
CA GLY B 161 -1.02 45.10 3.45
C GLY B 161 -0.34 44.75 4.77
N LYS B 162 -0.55 45.60 5.78
CA LYS B 162 -0.02 45.36 7.13
C LYS B 162 -0.66 44.13 7.81
N ALA B 163 -1.94 43.88 7.52
CA ALA B 163 -2.62 42.63 7.91
C ALA B 163 -1.88 41.37 7.40
N MET B 164 -1.23 41.48 6.25
CA MET B 164 -0.54 40.36 5.60
C MET B 164 0.90 40.16 6.07
N LYS B 165 1.54 41.20 6.62
CA LYS B 165 2.99 41.20 6.85
C LYS B 165 3.47 39.95 7.61
N LYS B 166 2.87 39.68 8.77
CA LYS B 166 3.21 38.51 9.61
C LYS B 166 3.27 37.18 8.82
N TRP B 167 2.27 36.94 7.97
CA TRP B 167 2.14 35.69 7.21
C TRP B 167 3.12 35.67 6.06
N VAL B 168 3.27 36.82 5.41
CA VAL B 168 4.28 36.99 4.35
C VAL B 168 5.70 36.72 4.86
N GLU B 169 6.03 37.24 6.04
CA GLU B 169 7.35 37.00 6.65
C GLU B 169 7.54 35.54 7.06
N SER B 170 6.47 34.90 7.54
CA SER B 170 6.53 33.49 7.93
C SER B 170 6.72 32.55 6.73
N ILE B 171 6.02 32.84 5.64
CA ILE B 171 6.16 32.10 4.38
C ILE B 171 7.60 32.20 3.85
N THR B 172 8.13 33.42 3.79
CA THR B 172 9.52 33.69 3.40
C THR B 172 10.53 32.91 4.26
N LYS B 173 10.28 32.89 5.58
CA LYS B 173 11.11 32.11 6.54
C LYS B 173 11.09 30.62 6.29
N ILE B 174 9.93 30.07 5.93
CA ILE B 174 9.82 28.65 5.63
C ILE B 174 10.55 28.33 4.32
N ILE B 175 10.34 29.14 3.30
CA ILE B 175 10.99 28.96 2.01
C ILE B 175 12.50 28.90 2.17
N GLN B 176 13.06 29.82 2.95
CA GLN B 176 14.49 29.82 3.21
C GLN B 176 14.97 28.57 3.96
N ARG B 177 14.22 28.16 4.96
CA ARG B 177 14.53 26.92 5.70
C ARG B 177 14.50 25.70 4.75
N LYS B 178 13.49 25.66 3.87
CA LYS B 178 13.32 24.53 2.95
C LYS B 178 14.42 24.44 1.87
N LYS B 179 14.93 25.58 1.42
CA LYS B 179 16.10 25.61 0.53
C LYS B 179 17.43 25.06 1.13
N ILE B 180 17.45 24.72 2.42
CA ILE B 180 18.66 24.27 3.12
C ILE B 180 18.76 22.74 3.24
N ALA B 181 19.99 22.22 3.19
CA ALA B 181 20.27 20.79 3.22
C ALA B 181 20.00 20.17 4.60
N ILE B 190 20.16 10.15 18.52
CA ILE B 190 18.86 10.84 18.49
C ILE B 190 18.28 11.05 19.90
N THR B 191 18.68 10.21 20.87
CA THR B 191 18.29 10.30 22.31
C THR B 191 16.79 10.11 22.62
N PHE B 192 16.47 9.85 23.89
CA PHE B 192 15.20 9.24 24.31
C PHE B 192 14.52 10.02 25.46
N GLN B 193 13.37 9.53 25.94
CA GLN B 193 12.65 10.15 27.08
C GLN B 193 13.30 9.76 28.40
N SER B 194 13.46 8.45 28.59
CA SER B 194 14.33 7.87 29.63
C SER B 194 14.99 6.62 29.01
N SER B 195 15.67 5.81 29.83
CA SER B 195 16.63 4.82 29.31
C SER B 195 16.04 3.66 28.51
N PRO B 196 16.52 3.47 27.26
CA PRO B 196 16.14 2.24 26.56
C PRO B 196 16.76 1.03 27.23
N PRO B 197 16.19 -0.15 26.99
CA PRO B 197 16.75 -1.36 27.61
C PRO B 197 18.18 -1.68 27.14
N THR B 198 18.88 -2.42 27.98
CA THR B 198 20.21 -2.89 27.65
C THR B 198 20.19 -3.82 26.44
N VAL B 199 21.20 -3.64 25.58
CA VAL B 199 21.40 -4.45 24.38
C VAL B 199 21.76 -5.89 24.79
N GLU B 200 21.16 -6.86 24.11
CA GLU B 200 21.33 -8.27 24.43
C GLU B 200 22.31 -8.95 23.48
N TRP B 201 23.21 -9.75 24.06
CA TRP B 201 24.19 -10.54 23.33
C TRP B 201 24.04 -12.00 23.73
N HIS B 202 24.18 -12.89 22.76
CA HIS B 202 24.09 -14.33 22.98
C HIS B 202 25.50 -14.89 22.78
N ILE B 203 25.79 -15.52 21.65
CA ILE B 203 27.08 -16.17 21.42
C ILE B 203 28.10 -15.21 20.80
N SER B 204 27.69 -14.48 19.77
CA SER B 204 28.56 -13.50 19.15
C SER B 204 28.82 -12.39 20.17
N ARG B 205 30.07 -12.02 20.35
CA ARG B 205 30.38 -10.94 21.28
C ARG B 205 30.33 -9.59 20.56
N PRO B 206 30.18 -8.47 21.29
CA PRO B 206 30.20 -7.16 20.66
C PRO B 206 31.46 -6.94 19.80
N GLY B 207 31.28 -6.34 18.64
CA GLY B 207 32.39 -6.06 17.73
C GLY B 207 32.78 -7.19 16.79
N HIS B 208 32.32 -8.42 17.05
CA HIS B 208 32.74 -9.58 16.26
C HIS B 208 31.73 -9.84 15.14
N ILE B 209 31.60 -8.86 14.24
CA ILE B 209 30.61 -8.90 13.15
C ILE B 209 30.78 -10.13 12.25
N GLU B 210 31.99 -10.66 12.16
CA GLU B 210 32.25 -11.91 11.42
C GLU B 210 31.46 -13.14 11.90
N THR B 211 31.09 -13.17 13.18
CA THR B 211 30.39 -14.31 13.80
C THR B 211 28.86 -14.22 13.69
N PHE B 212 28.35 -13.02 13.38
CA PHE B 212 26.92 -12.73 13.43
C PHE B 212 26.17 -13.65 12.48
N ASP B 213 25.08 -14.25 12.99
CA ASP B 213 24.18 -15.07 12.17
C ASP B 213 22.84 -15.17 12.90
N LEU B 214 21.88 -15.90 12.34
CA LEU B 214 20.55 -16.04 12.92
C LEU B 214 20.57 -16.57 14.35
N LEU B 215 21.40 -17.58 14.59
CA LEU B 215 21.46 -18.29 15.86
C LEU B 215 22.48 -17.72 16.82
N THR B 216 23.45 -16.94 16.35
CA THR B 216 24.52 -16.42 17.21
C THR B 216 24.23 -15.05 17.82
N LEU B 217 23.43 -14.24 17.13
CA LEU B 217 22.90 -13.01 17.74
C LEU B 217 21.76 -13.39 18.68
N HIS B 218 21.49 -12.49 19.61
CA HIS B 218 20.42 -12.73 20.56
C HIS B 218 19.10 -12.47 19.86
N PRO B 219 18.15 -13.41 19.94
CA PRO B 219 16.88 -13.22 19.23
C PRO B 219 16.12 -11.93 19.59
N ILE B 220 16.18 -11.51 20.85
CA ILE B 220 15.59 -10.24 21.27
C ILE B 220 16.18 -9.09 20.44
N GLU B 221 17.52 -9.07 20.36
CA GLU B 221 18.22 -7.96 19.72
C GLU B 221 18.08 -7.98 18.20
N ILE B 222 17.91 -9.17 17.62
CA ILE B 222 17.61 -9.27 16.20
C ILE B 222 16.28 -8.56 15.95
N ALA B 223 15.29 -8.86 16.77
CA ALA B 223 13.96 -8.28 16.60
C ALA B 223 13.98 -6.78 16.86
N ARG B 224 14.79 -6.34 17.83
CA ARG B 224 14.87 -4.91 18.15
C ARG B 224 15.50 -4.13 17.02
N GLN B 225 16.63 -4.64 16.51
CA GLN B 225 17.37 -3.93 15.48
C GLN B 225 16.64 -3.92 14.14
N LEU B 226 16.00 -5.04 13.81
CA LEU B 226 15.10 -5.07 12.64
C LEU B 226 13.88 -4.13 12.79
N THR B 227 13.36 -3.99 14.00
CA THR B 227 12.24 -3.09 14.25
C THR B 227 12.66 -1.65 14.03
N LEU B 228 13.83 -1.28 14.51
CA LEU B 228 14.41 0.04 14.26
C LEU B 228 14.60 0.34 12.77
N LEU B 229 15.23 -0.58 12.03
CA LEU B 229 15.37 -0.45 10.58
C LEU B 229 14.04 -0.26 9.89
N GLU B 230 13.10 -1.13 10.23
CA GLU B 230 11.82 -1.19 9.59
C GLU B 230 10.93 0.00 9.96
N SER B 231 11.11 0.49 11.19
CA SER B 231 10.43 1.70 11.65
C SER B 231 10.90 2.90 10.85
N ASP B 232 12.22 3.09 10.76
CA ASP B 232 12.77 4.20 9.96
C ASP B 232 12.34 4.12 8.50
N LEU B 233 12.31 2.91 7.95
CA LEU B 233 11.89 2.68 6.57
C LEU B 233 10.41 3.10 6.41
N TYR B 234 9.55 2.65 7.32
CA TYR B 234 8.13 3.04 7.33
C TYR B 234 7.98 4.57 7.39
N ARG B 235 8.79 5.23 8.22
CA ARG B 235 8.64 6.67 8.48
C ARG B 235 9.11 7.58 7.36
N ALA B 236 9.96 7.05 6.49
CA ALA B 236 10.49 7.80 5.39
C ALA B 236 9.54 7.95 4.22
N VAL B 237 8.48 7.14 4.17
CA VAL B 237 7.57 7.13 3.01
C VAL B 237 6.64 8.33 3.08
N GLN B 238 6.62 9.13 2.00
CA GLN B 238 5.80 10.34 1.94
C GLN B 238 4.54 10.11 1.07
N PRO B 239 3.48 10.90 1.30
CA PRO B 239 2.28 10.85 0.47
C PRO B 239 2.52 10.99 -1.04
N SER B 240 3.49 11.80 -1.42
CA SER B 240 3.92 11.97 -2.82
C SER B 240 4.34 10.67 -3.54
N GLU B 241 4.75 9.67 -2.76
CA GLU B 241 5.11 8.35 -3.29
C GLU B 241 3.91 7.44 -3.47
N LEU B 242 2.74 7.87 -3.00
CA LEU B 242 1.53 7.04 -2.90
C LEU B 242 0.36 7.58 -3.71
N VAL B 243 0.11 8.90 -3.66
CA VAL B 243 -1.04 9.46 -4.35
C VAL B 243 -0.83 9.31 -5.85
N GLY B 244 -1.91 8.95 -6.55
CA GLY B 244 -1.86 8.66 -7.97
C GLY B 244 -1.35 7.27 -8.29
N SER B 245 -1.23 6.41 -7.26
CA SER B 245 -0.78 5.04 -7.41
C SER B 245 0.58 4.93 -8.11
N VAL B 246 1.45 5.90 -7.85
CA VAL B 246 2.66 6.08 -8.65
C VAL B 246 3.71 4.98 -8.47
N TRP B 247 3.61 4.24 -7.37
CA TRP B 247 4.53 3.12 -7.11
C TRP B 247 4.30 1.93 -8.06
N THR B 248 3.17 1.93 -8.77
CA THR B 248 2.82 0.86 -9.72
C THR B 248 3.12 1.24 -11.17
N LYS B 249 3.52 2.48 -11.39
CA LYS B 249 3.72 3.03 -12.74
C LYS B 249 5.18 2.94 -13.17
N GLU B 250 5.43 3.24 -14.45
CA GLU B 250 6.75 3.00 -15.04
C GLU B 250 7.87 3.81 -14.40
N ASP B 251 7.53 4.98 -13.85
CA ASP B 251 8.49 5.82 -13.11
C ASP B 251 8.54 5.55 -11.58
N LYS B 252 8.12 4.36 -11.17
CA LYS B 252 8.09 4.03 -9.75
C LYS B 252 9.43 4.26 -9.01
N GLU B 253 10.56 3.95 -9.64
CA GLU B 253 11.86 4.14 -8.97
C GLU B 253 12.23 5.60 -8.78
N ILE B 254 11.75 6.46 -9.67
CA ILE B 254 11.90 7.90 -9.54
C ILE B 254 10.95 8.47 -8.46
N ASN B 255 9.68 8.06 -8.47
CA ASN B 255 8.66 8.70 -7.63
C ASN B 255 8.38 8.07 -6.29
N SER B 256 8.68 6.78 -6.12
CA SER B 256 8.45 6.06 -4.88
C SER B 256 9.70 5.32 -4.33
N PRO B 257 10.87 6.01 -4.29
CA PRO B 257 12.08 5.30 -3.89
C PRO B 257 12.09 4.79 -2.44
N ASN B 258 11.52 5.56 -1.51
CA ASN B 258 11.50 5.16 -0.10
C ASN B 258 10.55 3.99 0.15
N LEU B 259 9.40 3.99 -0.52
CA LEU B 259 8.46 2.89 -0.42
C LEU B 259 9.09 1.60 -0.93
N LEU B 260 9.71 1.69 -2.10
CA LEU B 260 10.38 0.56 -2.69
C LEU B 260 11.52 -0.01 -1.83
N LYS B 261 12.37 0.86 -1.28
CA LYS B 261 13.43 0.39 -0.38
C LYS B 261 12.83 -0.37 0.79
N MET B 262 11.71 0.12 1.30
CA MET B 262 11.06 -0.48 2.45
C MET B 262 10.57 -1.86 2.11
N ILE B 263 9.92 -1.99 0.95
CA ILE B 263 9.36 -3.25 0.53
C ILE B 263 10.49 -4.25 0.23
N ARG B 264 11.56 -3.76 -0.36
CA ARG B 264 12.68 -4.62 -0.67
C ARG B 264 13.35 -5.17 0.57
N HIS B 265 13.45 -4.33 1.61
CA HIS B 265 13.93 -4.81 2.90
C HIS B 265 13.07 -5.99 3.37
N THR B 266 11.76 -5.80 3.34
CA THR B 266 10.82 -6.80 3.83
C THR B 266 10.96 -8.12 3.07
N THR B 267 11.02 -8.01 1.75
CA THR B 267 11.20 -9.14 0.88
C THR B 267 12.53 -9.84 1.18
N ASN B 268 13.58 -9.06 1.38
CA ASN B 268 14.89 -9.59 1.66
C ASN B 268 14.90 -10.42 2.94
N LEU B 269 14.29 -9.90 4.02
CA LEU B 269 14.23 -10.62 5.29
C LEU B 269 13.42 -11.91 5.20
N THR B 270 12.27 -11.84 4.56
CA THR B 270 11.47 -13.03 4.32
C THR B 270 12.32 -14.09 3.63
N LEU B 271 13.03 -13.68 2.57
CA LEU B 271 13.86 -14.60 1.81
C LEU B 271 15.03 -15.15 2.63
N TRP B 272 15.69 -14.28 3.39
CA TRP B 272 16.70 -14.71 4.34
C TRP B 272 16.19 -15.78 5.34
N PHE B 273 14.97 -15.61 5.84
CA PHE B 273 14.42 -16.58 6.77
C PHE B 273 14.21 -17.91 6.08
N GLU B 274 13.71 -17.88 4.84
CA GLU B 274 13.49 -19.10 4.08
C GLU B 274 14.82 -19.84 3.83
N LYS B 275 15.83 -19.05 3.55
CA LYS B 275 17.13 -19.55 3.19
C LYS B 275 17.81 -20.22 4.39
N CYS B 276 17.77 -19.52 5.53
CA CYS B 276 18.28 -20.01 6.80
C CYS B 276 17.66 -21.39 7.11
N ILE B 277 16.36 -21.50 6.84
CA ILE B 277 15.63 -22.74 7.09
C ILE B 277 16.09 -23.88 6.17
N VAL B 278 15.91 -23.70 4.86
CA VAL B 278 16.16 -24.78 3.91
C VAL B 278 17.63 -25.15 3.71
N GLU B 279 18.55 -24.21 3.95
CA GLU B 279 19.98 -24.53 3.92
C GLU B 279 20.49 -25.18 5.21
N THR B 280 19.68 -25.25 6.26
CA THR B 280 20.01 -26.04 7.44
C THR B 280 19.46 -27.47 7.20
N GLU B 281 20.33 -28.37 6.79
CA GLU B 281 19.90 -29.65 6.23
C GLU B 281 19.62 -30.68 7.32
N ASN B 282 20.42 -30.63 8.38
CA ASN B 282 20.17 -31.47 9.56
C ASN B 282 18.83 -31.09 10.21
N LEU B 283 17.98 -32.09 10.42
CA LEU B 283 16.63 -31.86 10.97
C LEU B 283 16.65 -31.15 12.32
N GLU B 284 17.44 -31.67 13.25
CA GLU B 284 17.52 -31.10 14.59
C GLU B 284 17.98 -29.63 14.56
N GLU B 285 18.92 -29.32 13.68
CA GLU B 285 19.39 -27.96 13.55
C GLU B 285 18.31 -27.06 12.93
N ARG B 286 17.57 -27.62 11.97
CA ARG B 286 16.54 -26.89 11.25
C ARG B 286 15.39 -26.55 12.19
N VAL B 287 15.13 -27.46 13.12
CA VAL B 287 14.12 -27.25 14.14
C VAL B 287 14.55 -26.08 15.01
N ALA B 288 15.80 -26.08 15.48
CA ALA B 288 16.34 -24.93 16.19
C ALA B 288 16.22 -23.61 15.42
N VAL B 289 16.46 -23.64 14.11
CA VAL B 289 16.40 -22.45 13.27
C VAL B 289 14.97 -21.90 13.22
N VAL B 290 13.99 -22.76 12.91
CA VAL B 290 12.60 -22.38 12.78
C VAL B 290 12.11 -21.86 14.14
N SER B 291 12.49 -22.58 15.18
CA SER B 291 12.12 -22.24 16.55
C SER B 291 12.62 -20.83 16.92
N ARG B 292 13.87 -20.52 16.57
CA ARG B 292 14.44 -19.19 16.83
C ARG B 292 13.70 -18.09 16.06
N ILE B 293 13.28 -18.39 14.84
CA ILE B 293 12.55 -17.44 14.01
C ILE B 293 11.19 -17.13 14.64
N ILE B 294 10.55 -18.14 15.21
CA ILE B 294 9.31 -17.95 15.93
C ILE B 294 9.56 -17.11 17.20
N GLU B 295 10.70 -17.26 17.84
CA GLU B 295 11.04 -16.40 18.99
C GLU B 295 11.20 -14.92 18.58
N ILE B 296 11.82 -14.68 17.44
CA ILE B 296 11.96 -13.34 16.88
C ILE B 296 10.56 -12.75 16.56
N LEU B 297 9.68 -13.59 16.00
CA LEU B 297 8.30 -13.23 15.76
C LEU B 297 7.59 -12.76 17.04
N GLN B 298 7.77 -13.53 18.11
CA GLN B 298 7.19 -13.21 19.42
C GLN B 298 7.61 -11.82 19.89
N VAL B 299 8.90 -11.48 19.72
CA VAL B 299 9.38 -10.16 20.09
C VAL B 299 8.84 -9.07 19.15
N PHE B 300 8.74 -9.35 17.86
CA PHE B 300 8.13 -8.42 16.91
C PHE B 300 6.72 -8.06 17.37
N GLN B 301 6.00 -9.10 17.74
CA GLN B 301 4.65 -8.99 18.26
C GLN B 301 4.61 -8.11 19.54
N GLU B 302 5.55 -8.32 20.48
CA GLU B 302 5.70 -7.47 21.69
C GLU B 302 5.99 -5.98 21.36
N LEU B 303 6.73 -5.76 20.28
CA LEU B 303 7.10 -4.44 19.81
C LEU B 303 6.07 -3.80 18.89
N ASN B 304 4.97 -4.50 18.60
CA ASN B 304 4.03 -4.11 17.57
C ASN B 304 4.69 -3.81 16.24
N ASN B 305 5.71 -4.60 15.86
CA ASN B 305 6.29 -4.54 14.50
C ASN B 305 5.54 -5.54 13.61
N PHE B 306 4.44 -5.07 13.03
CA PHE B 306 3.60 -5.92 12.23
C PHE B 306 4.24 -6.22 10.87
N ASN B 307 5.09 -5.32 10.39
CA ASN B 307 5.85 -5.65 9.20
C ASN B 307 6.75 -6.88 9.46
N GLY B 308 7.37 -6.91 10.62
CA GLY B 308 8.24 -8.01 11.06
C GLY B 308 7.44 -9.28 11.22
N VAL B 309 6.30 -9.17 11.89
CA VAL B 309 5.43 -10.31 12.07
C VAL B 309 5.16 -10.92 10.70
N LEU B 310 4.72 -10.11 9.73
CA LEU B 310 4.32 -10.67 8.46
C LEU B 310 5.50 -11.13 7.60
N GLU B 311 6.69 -10.56 7.79
CA GLU B 311 7.83 -11.05 7.05
C GLU B 311 8.21 -12.49 7.50
N VAL B 312 7.92 -12.83 8.75
CA VAL B 312 8.05 -14.19 9.25
C VAL B 312 6.92 -15.09 8.75
N VAL B 313 5.68 -14.61 8.87
CA VAL B 313 4.54 -15.39 8.44
C VAL B 313 4.68 -15.76 6.95
N SER B 314 5.08 -14.79 6.13
CA SER B 314 5.31 -15.00 4.71
C SER B 314 6.37 -16.09 4.43
N ALA B 315 7.44 -16.11 5.22
CA ALA B 315 8.46 -17.15 5.11
C ALA B 315 7.92 -18.54 5.42
N MET B 316 7.13 -18.65 6.48
CA MET B 316 6.60 -19.93 6.90
C MET B 316 5.53 -20.46 5.93
N ASN B 317 4.84 -19.56 5.23
CA ASN B 317 3.81 -19.94 4.23
C ASN B 317 4.40 -20.13 2.84
N SER B 318 5.66 -19.78 2.66
CA SER B 318 6.37 -19.98 1.39
C SER B 318 6.35 -21.45 1.01
N SER B 319 6.36 -21.73 -0.28
CA SER B 319 6.31 -23.12 -0.74
C SER B 319 7.49 -24.00 -0.25
N PRO B 320 8.71 -23.44 -0.10
CA PRO B 320 9.82 -24.27 0.41
C PRO B 320 9.70 -24.65 1.87
N VAL B 321 9.14 -23.76 2.69
CA VAL B 321 9.04 -23.97 4.15
C VAL B 321 7.75 -24.70 4.57
N TYR B 322 6.62 -24.27 4.02
CA TYR B 322 5.29 -24.78 4.39
C TYR B 322 5.18 -26.30 4.33
N ARG B 323 5.85 -26.89 3.35
CA ARG B 323 5.82 -28.36 3.16
C ARG B 323 6.72 -29.18 4.11
N LEU B 324 7.50 -28.53 4.98
CA LEU B 324 8.46 -29.27 5.83
C LEU B 324 7.78 -29.82 7.08
N ASP B 325 6.96 -30.83 6.87
CA ASP B 325 6.16 -31.45 7.93
C ASP B 325 6.99 -32.08 9.02
N HIS B 326 8.17 -32.64 8.69
CA HIS B 326 9.02 -33.25 9.74
C HIS B 326 9.60 -32.18 10.67
N THR B 327 9.84 -31.00 10.15
CA THR B 327 10.37 -29.91 10.94
C THR B 327 9.25 -29.38 11.85
N PHE B 328 8.09 -29.09 11.25
CA PHE B 328 6.95 -28.54 11.99
C PHE B 328 6.51 -29.44 13.14
N GLU B 329 6.47 -30.75 12.91
CA GLU B 329 6.14 -31.75 13.94
C GLU B 329 6.91 -31.53 15.26
N GLN B 330 8.16 -31.10 15.15
CA GLN B 330 9.09 -30.98 16.29
C GLN B 330 9.14 -29.61 16.96
N ILE B 331 8.46 -28.62 16.35
CA ILE B 331 8.31 -27.30 16.95
C ILE B 331 7.51 -27.48 18.24
N PRO B 332 8.02 -26.97 19.38
CA PRO B 332 7.26 -27.09 20.64
C PRO B 332 5.86 -26.49 20.51
N SER B 333 4.89 -27.07 21.19
CA SER B 333 3.49 -26.68 21.03
C SER B 333 3.23 -25.19 21.26
N ARG B 334 3.93 -24.61 22.23
CA ARG B 334 3.81 -23.19 22.54
C ARG B 334 4.08 -22.35 21.30
N GLN B 335 5.14 -22.71 20.57
CA GLN B 335 5.56 -21.93 19.41
C GLN B 335 4.70 -22.18 18.18
N LYS B 336 4.13 -23.38 18.05
CA LYS B 336 3.11 -23.63 17.03
C LYS B 336 1.96 -22.65 17.18
N LYS B 337 1.50 -22.50 18.42
CA LYS B 337 0.39 -21.58 18.75
C LYS B 337 0.75 -20.13 18.48
N ILE B 338 1.99 -19.74 18.83
CA ILE B 338 2.45 -18.39 18.52
C ILE B 338 2.40 -18.14 17.03
N LEU B 339 2.92 -19.10 16.24
CA LEU B 339 2.98 -18.92 14.79
C LEU B 339 1.60 -18.92 14.18
N GLU B 340 0.74 -19.78 14.70
CA GLU B 340 -0.61 -19.93 14.16
C GLU B 340 -1.45 -18.67 14.41
N GLU B 341 -1.32 -18.10 15.61
CA GLU B 341 -1.96 -16.81 15.95
C GLU B 341 -1.54 -15.72 14.98
N ALA B 342 -0.24 -15.70 14.66
CA ALA B 342 0.31 -14.71 13.75
C ALA B 342 -0.21 -14.94 12.34
N HIS B 343 -0.20 -16.19 11.89
CA HIS B 343 -0.77 -16.52 10.60
C HIS B 343 -2.20 -16.01 10.47
N GLU B 344 -2.97 -16.23 11.53
CA GLU B 344 -4.38 -15.91 11.55
C GLU B 344 -4.69 -14.43 11.45
N LEU B 345 -3.71 -13.57 11.72
CA LEU B 345 -3.86 -12.13 11.47
C LEU B 345 -4.13 -11.87 9.99
N SER B 346 -3.57 -12.69 9.10
CA SER B 346 -3.66 -12.49 7.65
C SER B 346 -4.96 -13.03 7.06
N GLU B 347 -5.60 -13.94 7.79
CA GLU B 347 -6.81 -14.64 7.30
C GLU B 347 -7.97 -13.69 7.15
N ASP B 348 -8.93 -14.13 6.34
CA ASP B 348 -10.13 -13.38 6.01
C ASP B 348 -9.79 -11.92 5.66
N HIS B 349 -8.86 -11.76 4.72
CA HIS B 349 -8.46 -10.44 4.24
C HIS B 349 -7.95 -9.53 5.37
N TYR B 350 -7.05 -10.05 6.19
CA TYR B 350 -6.43 -9.26 7.27
C TYR B 350 -7.38 -8.74 8.36
N LYS B 351 -8.48 -9.47 8.58
CA LYS B 351 -9.52 -9.06 9.54
C LYS B 351 -8.98 -8.85 10.98
N LYS B 352 -8.18 -9.81 11.45
CA LYS B 352 -7.65 -9.72 12.80
C LYS B 352 -6.48 -8.75 12.89
N TYR B 353 -5.68 -8.64 11.82
CA TYR B 353 -4.62 -7.65 11.77
C TYR B 353 -5.21 -6.25 11.90
N LEU B 354 -6.24 -5.97 11.13
CA LEU B 354 -6.89 -4.65 11.12
C LEU B 354 -7.39 -4.26 12.52
N ALA B 355 -8.15 -5.16 13.15
CA ALA B 355 -8.62 -4.97 14.51
C ALA B 355 -7.48 -4.80 15.53
N LYS B 356 -6.42 -5.59 15.40
CA LYS B 356 -5.30 -5.48 16.33
C LYS B 356 -4.60 -4.12 16.22
N LEU B 357 -4.40 -3.65 14.98
CA LEU B 357 -3.74 -2.37 14.73
C LEU B 357 -4.52 -1.19 15.32
N ARG B 358 -5.83 -1.12 15.06
CA ARG B 358 -6.73 -0.10 15.69
C ARG B 358 -6.59 -0.02 17.22
N SER B 359 -6.34 -1.16 17.86
CA SER B 359 -6.37 -1.31 19.31
C SER B 359 -5.06 -1.03 20.03
N ILE B 360 -3.95 -0.93 19.30
CA ILE B 360 -2.66 -0.64 19.94
C ILE B 360 -2.31 0.84 19.75
N ASN B 361 -1.45 1.34 20.65
CA ASN B 361 -0.94 2.71 20.55
C ASN B 361 0.48 2.64 19.99
N PRO B 362 0.91 3.68 19.26
CA PRO B 362 2.32 3.85 18.87
C PRO B 362 3.30 3.64 20.04
N PRO B 363 4.54 3.23 19.78
CA PRO B 363 5.09 3.04 18.45
C PRO B 363 4.70 1.70 17.87
N CYS B 364 4.62 1.65 16.56
CA CYS B 364 4.37 0.43 15.85
C CYS B 364 4.94 0.55 14.43
N VAL B 365 5.00 -0.58 13.74
CA VAL B 365 5.37 -0.61 12.33
C VAL B 365 4.26 -1.38 11.61
N PRO B 366 3.30 -0.64 11.01
CA PRO B 366 2.25 -1.27 10.22
C PRO B 366 2.82 -2.05 9.04
N PHE B 367 2.05 -3.04 8.59
CA PHE B 367 2.24 -3.66 7.30
C PHE B 367 1.66 -2.72 6.26
N PHE B 368 2.48 -2.32 5.28
CA PHE B 368 2.12 -1.27 4.31
C PHE B 368 1.20 -1.76 3.19
N GLY B 369 1.29 -3.04 2.85
CA GLY B 369 0.59 -3.58 1.69
C GLY B 369 -0.89 -3.28 1.60
N ILE B 370 -1.56 -3.26 2.75
CA ILE B 370 -2.98 -3.01 2.83
C ILE B 370 -3.30 -1.59 2.37
N TYR B 371 -2.46 -0.64 2.79
CA TYR B 371 -2.64 0.75 2.38
C TYR B 371 -2.48 0.93 0.88
N LEU B 372 -1.55 0.16 0.33
CA LEU B 372 -1.25 0.25 -1.10
C LEU B 372 -2.43 -0.23 -1.91
N THR B 373 -2.97 -1.37 -1.53
CA THR B 373 -4.15 -1.91 -2.22
C THR B 373 -5.38 -1.02 -2.08
N ASN B 374 -5.61 -0.50 -0.89
CA ASN B 374 -6.72 0.43 -0.66
C ASN B 374 -6.63 1.71 -1.48
N ILE B 375 -5.44 2.32 -1.53
CA ILE B 375 -5.22 3.50 -2.36
C ILE B 375 -5.44 3.17 -3.83
N LEU B 376 -4.84 2.08 -4.31
CA LEU B 376 -4.99 1.69 -5.73
C LEU B 376 -6.45 1.51 -6.12
N LYS B 377 -7.18 0.74 -5.32
CA LYS B 377 -8.57 0.43 -5.63
C LYS B 377 -9.50 1.62 -5.47
N THR B 378 -9.12 2.57 -4.61
CA THR B 378 -9.89 3.79 -4.44
C THR B 378 -9.76 4.61 -5.71
N GLU B 379 -8.54 4.71 -6.22
CA GLU B 379 -8.30 5.49 -7.44
C GLU B 379 -8.83 4.83 -8.70
N GLU B 380 -8.68 3.52 -8.80
CA GLU B 380 -9.17 2.76 -9.96
C GLU B 380 -10.70 2.63 -9.92
N GLY B 381 -11.26 2.52 -8.73
CA GLY B 381 -12.67 2.17 -8.57
C GLY B 381 -13.66 3.32 -8.56
N ASN B 382 -13.17 4.56 -8.70
CA ASN B 382 -14.05 5.73 -8.67
C ASN B 382 -13.72 6.68 -9.83
N PRO B 383 -14.74 7.33 -10.41
CA PRO B 383 -14.47 8.19 -11.57
C PRO B 383 -13.70 9.44 -11.18
N GLU B 384 -12.87 9.93 -12.08
CA GLU B 384 -12.11 11.16 -11.88
C GLU B 384 -13.05 12.38 -11.87
N VAL B 385 -14.17 12.30 -12.61
CA VAL B 385 -15.13 13.39 -12.68
C VAL B 385 -16.55 12.85 -12.58
N LEU B 386 -17.48 13.71 -12.20
CA LEU B 386 -18.89 13.40 -12.21
C LEU B 386 -19.52 14.41 -13.13
N LYS B 387 -20.65 14.04 -13.74
CA LYS B 387 -21.33 14.95 -14.65
C LYS B 387 -22.69 15.30 -14.11
N ARG B 388 -23.02 16.58 -14.21
CA ARG B 388 -24.30 17.10 -13.75
C ARG B 388 -24.76 18.14 -14.74
N HIS B 389 -25.95 17.96 -15.31
CA HIS B 389 -26.48 18.84 -16.36
C HIS B 389 -25.47 19.06 -17.51
N GLY B 390 -24.78 18.00 -17.90
CA GLY B 390 -23.77 18.06 -18.96
C GLY B 390 -22.44 18.68 -18.58
N LYS B 391 -22.28 19.15 -17.34
CA LYS B 391 -21.04 19.79 -16.92
C LYS B 391 -20.17 18.83 -16.13
N GLU B 392 -18.86 18.98 -16.30
CA GLU B 392 -17.86 18.08 -15.74
C GLU B 392 -17.42 18.65 -14.38
N LEU B 393 -17.53 17.86 -13.30
CA LEU B 393 -17.09 18.28 -11.97
C LEU B 393 -15.99 17.35 -11.48
N ILE B 394 -14.95 17.91 -10.87
CA ILE B 394 -13.91 17.08 -10.30
C ILE B 394 -14.49 16.30 -9.11
N ASN B 395 -14.30 14.98 -9.11
CA ASN B 395 -14.78 14.11 -8.05
C ASN B 395 -13.85 14.24 -6.84
N PHE B 396 -14.21 15.11 -5.92
CA PHE B 396 -13.33 15.37 -4.78
C PHE B 396 -13.40 14.30 -3.70
N SER B 397 -14.56 13.69 -3.50
CA SER B 397 -14.69 12.64 -2.48
C SER B 397 -13.73 11.46 -2.69
N LYS B 398 -13.39 11.20 -3.94
CA LYS B 398 -12.40 10.18 -4.28
C LYS B 398 -11.03 10.54 -3.70
N ARG B 399 -10.67 11.82 -3.83
CA ARG B 399 -9.41 12.33 -3.31
C ARG B 399 -9.38 12.36 -1.78
N ARG B 400 -10.49 12.79 -1.17
CA ARG B 400 -10.66 12.68 0.26
C ARG B 400 -10.38 11.26 0.78
N LYS B 401 -10.91 10.26 0.11
CA LYS B 401 -10.72 8.87 0.54
C LYS B 401 -9.25 8.50 0.54
N VAL B 402 -8.51 8.95 -0.49
CA VAL B 402 -7.09 8.70 -0.59
C VAL B 402 -6.31 9.44 0.51
N ALA B 403 -6.69 10.70 0.78
CA ALA B 403 -6.11 11.48 1.87
C ALA B 403 -6.38 10.89 3.27
N GLU B 404 -7.54 10.26 3.47
CA GLU B 404 -7.80 9.52 4.70
C GLU B 404 -6.80 8.37 4.92
N ILE B 405 -6.45 7.66 3.86
CA ILE B 405 -5.51 6.54 3.98
C ILE B 405 -4.11 7.07 4.24
N THR B 406 -3.67 8.10 3.51
CA THR B 406 -2.34 8.67 3.73
C THR B 406 -2.23 9.30 5.10
N GLY B 407 -3.33 9.85 5.60
CA GLY B 407 -3.40 10.36 6.97
C GLY B 407 -3.25 9.26 8.00
N GLU B 408 -3.93 8.13 7.81
CA GLU B 408 -3.75 7.00 8.68
C GLU B 408 -2.27 6.52 8.66
N ILE B 409 -1.63 6.50 7.50
CA ILE B 409 -0.23 6.13 7.41
C ILE B 409 0.65 7.05 8.25
N GLN B 410 0.45 8.36 8.08
CA GLN B 410 1.21 9.38 8.84
C GLN B 410 1.02 9.36 10.36
N GLN B 411 -0.13 8.87 10.84
CA GLN B 411 -0.37 8.88 12.30
C GLN B 411 0.55 7.88 13.04
N TYR B 412 0.97 6.82 12.34
CA TYR B 412 1.94 5.85 12.90
C TYR B 412 3.41 6.19 12.64
N GLN B 413 3.67 7.33 12.00
CA GLN B 413 5.03 7.76 11.68
C GLN B 413 5.65 8.72 12.72
N ASN B 414 4.84 9.26 13.64
CA ASN B 414 5.32 10.33 14.53
C ASN B 414 6.14 9.80 15.70
N GLN B 415 5.74 8.66 16.26
CA GLN B 415 6.30 8.15 17.51
C GLN B 415 7.44 7.14 17.26
N PRO B 416 8.65 7.44 17.74
CA PRO B 416 9.78 6.51 17.60
C PRO B 416 9.86 5.48 18.74
N TYR B 417 10.61 4.41 18.48
CA TYR B 417 10.85 3.38 19.48
C TYR B 417 11.90 3.83 20.50
N CYS B 418 11.72 3.42 21.75
CA CYS B 418 12.73 3.64 22.78
C CYS B 418 13.68 2.43 22.85
N LEU B 419 14.47 2.27 21.79
CA LEU B 419 15.48 1.21 21.67
C LEU B 419 16.80 1.78 21.17
N ARG B 420 17.90 1.36 21.78
CA ARG B 420 19.23 1.80 21.33
C ARG B 420 19.63 1.03 20.07
N VAL B 421 20.07 1.78 19.06
CA VAL B 421 20.69 1.23 17.85
C VAL B 421 22.01 0.55 18.21
N GLU B 422 22.26 -0.62 17.64
CA GLU B 422 23.59 -1.26 17.71
C GLU B 422 24.11 -1.24 16.27
N SER B 423 25.17 -0.48 16.03
CA SER B 423 25.54 -0.13 14.66
C SER B 423 26.07 -1.33 13.86
N ASP B 424 26.76 -2.28 14.50
CA ASP B 424 27.16 -3.51 13.81
C ASP B 424 26.01 -4.42 13.45
N ILE B 425 25.09 -4.64 14.38
CA ILE B 425 23.94 -5.52 14.11
C ILE B 425 23.06 -4.88 13.03
N LYS B 426 22.86 -3.57 13.12
CA LYS B 426 22.14 -2.81 12.10
C LYS B 426 22.76 -2.97 10.70
N ARG B 427 24.07 -2.76 10.63
CA ARG B 427 24.83 -2.94 9.38
C ARG B 427 24.68 -4.36 8.83
N PHE B 428 24.71 -5.36 9.71
CA PHE B 428 24.55 -6.75 9.30
C PHE B 428 23.23 -6.97 8.59
N PHE B 429 22.13 -6.43 9.13
CA PHE B 429 20.82 -6.61 8.50
C PHE B 429 20.59 -5.72 7.26
N GLU B 430 21.21 -4.55 7.22
CA GLU B 430 21.14 -3.70 6.02
C GLU B 430 21.84 -4.35 4.82
N ASN B 431 22.95 -5.05 5.06
CA ASN B 431 23.77 -5.64 3.99
C ASN B 431 23.41 -7.08 3.66
N LEU B 432 22.45 -7.64 4.37
CA LEU B 432 21.87 -8.94 4.02
C LEU B 432 21.49 -9.00 2.54
N ASN B 433 21.90 -10.08 1.89
CA ASN B 433 21.64 -10.29 0.47
C ASN B 433 21.53 -11.81 0.19
N PRO B 434 20.45 -12.45 0.67
CA PRO B 434 20.27 -13.89 0.46
C PRO B 434 20.23 -14.34 -0.99
N MET B 435 19.70 -13.49 -1.87
CA MET B 435 19.65 -13.80 -3.31
C MET B 435 21.03 -13.82 -3.96
N GLY B 436 21.99 -13.02 -3.48
CA GLY B 436 23.29 -12.92 -4.13
C GLY B 436 23.12 -12.29 -5.51
N ASN B 437 23.86 -12.83 -6.49
CA ASN B 437 23.76 -12.42 -7.90
C ASN B 437 22.60 -13.07 -8.69
N SER B 438 21.81 -13.94 -8.06
CA SER B 438 20.78 -14.71 -8.78
C SER B 438 19.52 -13.89 -9.02
N MET B 439 18.82 -14.23 -10.08
CA MET B 439 17.51 -13.67 -10.37
C MET B 439 16.48 -14.35 -9.49
N GLU B 440 15.27 -13.78 -9.46
CA GLU B 440 14.19 -14.25 -8.60
C GLU B 440 13.84 -15.73 -8.84
N LYS B 441 13.60 -16.07 -10.10
CA LYS B 441 13.14 -17.39 -10.49
C LYS B 441 14.18 -18.44 -10.09
N GLU B 442 15.40 -18.21 -10.54
CA GLU B 442 16.57 -19.03 -10.22
C GLU B 442 16.66 -19.27 -8.70
N PHE B 443 16.54 -18.18 -7.93
CA PHE B 443 16.68 -18.25 -6.47
C PHE B 443 15.57 -19.02 -5.77
N THR B 444 14.33 -18.75 -6.16
CA THR B 444 13.21 -19.42 -5.49
C THR B 444 13.12 -20.89 -5.94
N ASP B 445 13.49 -21.19 -7.18
CA ASP B 445 13.69 -22.59 -7.61
C ASP B 445 14.78 -23.27 -6.77
N TYR B 446 15.86 -22.55 -6.47
CA TYR B 446 16.92 -23.11 -5.63
C TYR B 446 16.40 -23.42 -4.22
N LEU B 447 15.65 -22.50 -3.63
CA LEU B 447 15.08 -22.75 -2.30
C LEU B 447 14.13 -23.96 -2.32
N PHE B 448 13.29 -24.04 -3.34
CA PHE B 448 12.34 -25.12 -3.41
C PHE B 448 13.05 -26.47 -3.63
N ASN B 449 13.97 -26.56 -4.59
CA ASN B 449 14.78 -27.77 -4.76
C ASN B 449 15.51 -28.17 -3.48
N LYS B 450 15.94 -27.18 -2.70
CA LYS B 450 16.61 -27.42 -1.44
C LYS B 450 15.65 -28.04 -0.42
N SER B 451 14.40 -27.56 -0.41
CA SER B 451 13.35 -28.11 0.42
C SER B 451 13.08 -29.56 0.06
N LEU B 452 12.98 -29.82 -1.23
CA LEU B 452 12.79 -31.18 -1.74
C LEU B 452 13.92 -32.14 -1.33
N GLU B 453 15.15 -31.66 -1.28
CA GLU B 453 16.30 -32.48 -0.93
C GLU B 453 16.27 -32.87 0.55
N ILE B 454 16.05 -31.88 1.40
CA ILE B 454 16.07 -32.08 2.85
C ILE B 454 14.85 -32.85 3.40
N GLU B 455 13.70 -32.75 2.73
CA GLU B 455 12.49 -33.51 3.08
C GLU B 455 11.79 -33.89 1.78
N PRO B 456 12.19 -35.03 1.19
CA PRO B 456 11.59 -35.48 -0.06
C PRO B 456 10.10 -35.78 0.01
N ARG B 457 9.45 -35.75 -1.14
CA ARG B 457 8.04 -36.12 -1.26
C ARG B 457 7.81 -37.58 -0.87
N ASN B 458 6.70 -37.84 -0.19
CA ASN B 458 6.24 -39.21 0.04
C ASN B 458 6.11 -39.87 -1.34
N PRO B 459 6.50 -41.13 -1.50
CA PRO B 459 6.90 -42.04 -0.42
C PRO B 459 8.41 -42.13 -0.13
N LYS B 460 9.24 -41.23 -0.65
CA LYS B 460 10.69 -41.33 -0.45
C LYS B 460 11.04 -41.17 1.03
N PRO B 461 11.97 -41.99 1.55
CA PRO B 461 12.32 -41.90 2.96
C PRO B 461 13.11 -40.64 3.28
N LEU B 462 13.11 -40.25 4.54
CA LEU B 462 13.76 -39.02 4.96
C LEU B 462 15.25 -39.32 5.12
N PRO B 463 16.11 -38.61 4.38
CA PRO B 463 17.55 -38.82 4.60
C PRO B 463 18.02 -38.20 5.91
N ARG B 464 19.25 -38.52 6.30
CA ARG B 464 19.94 -37.79 7.37
C ARG B 464 20.99 -36.92 6.75
N PHE B 465 21.35 -35.86 7.46
CA PHE B 465 22.33 -34.91 6.98
C PHE B 465 23.20 -34.50 8.15
N PRO B 466 24.45 -34.14 7.88
CA PRO B 466 25.35 -33.76 8.99
C PRO B 466 25.06 -32.37 9.55
N LYS B 467 25.46 -32.15 10.80
CA LYS B 467 25.33 -30.86 11.48
C LYS B 467 26.31 -29.84 10.88
N LYS B 468 25.86 -28.60 10.68
CA LYS B 468 26.71 -27.49 10.19
C LYS B 468 27.12 -26.48 11.28
N TYR B 469 26.47 -26.50 12.45
CA TYR B 469 26.73 -25.51 13.49
C TYR B 469 27.58 -26.12 14.59
N SER B 470 28.75 -25.52 14.83
CA SER B 470 29.69 -26.02 15.85
C SER B 470 29.48 -25.40 17.24
N TYR B 471 28.52 -24.47 17.35
CA TYR B 471 28.15 -23.84 18.63
C TYR B 471 26.80 -24.39 19.13
N PRO B 472 26.45 -24.13 20.41
CA PRO B 472 25.18 -24.67 20.93
C PRO B 472 23.94 -24.03 20.31
N LEU B 473 22.90 -24.85 20.15
CA LEU B 473 21.64 -24.46 19.49
C LEU B 473 20.59 -23.93 20.48
N LYS B 474 20.79 -24.11 21.78
CA LYS B 474 19.79 -23.73 22.77
C LYS B 474 19.60 -22.21 22.73
N SER B 475 18.35 -21.77 22.67
CA SER B 475 18.06 -20.35 22.68
C SER B 475 18.22 -19.77 24.08
N PRO B 476 18.74 -18.54 24.17
CA PRO B 476 18.70 -17.83 25.46
C PRO B 476 17.28 -17.40 25.83
N GLY B 477 16.33 -17.53 24.91
CA GLY B 477 14.98 -17.15 25.19
C GLY B 477 14.76 -15.67 24.93
N VAL B 478 13.57 -15.23 25.27
CA VAL B 478 13.00 -13.99 24.80
C VAL B 478 12.69 -12.98 25.93
N ARG B 479 13.13 -13.32 27.14
CA ARG B 479 13.03 -12.46 28.32
CA ARG B 479 13.01 -12.44 28.30
C ARG B 479 14.35 -11.72 28.52
N PRO B 480 14.32 -10.39 28.79
CA PRO B 480 15.55 -9.66 29.12
C PRO B 480 16.44 -10.30 30.16
N SER B 481 17.76 -10.25 29.92
CA SER B 481 18.73 -10.94 30.75
C SER B 481 18.94 -10.24 32.10
N ASN B 482 19.00 -8.92 32.08
CA ASN B 482 19.28 -8.10 33.27
C ASN B 482 18.11 -7.18 33.62
N PRO B 483 18.07 -6.68 34.88
CA PRO B 483 17.08 -5.68 35.27
C PRO B 483 17.31 -4.32 34.60
N ARG B 484 16.29 -3.44 34.64
CA ARG B 484 16.27 -2.12 33.96
C ARG B 484 15.55 -2.27 32.62
C1 GOL C . 7.42 -12.69 -11.89
O1 GOL C . 6.42 -12.04 -12.69
C2 GOL C . 7.11 -14.19 -11.86
O2 GOL C . 8.18 -14.88 -11.19
C3 GOL C . 5.75 -14.43 -11.18
O3 GOL C . 5.69 -15.71 -10.51
C4 BPW D . 0.65 -21.67 10.50
C5 BPW D . 0.12 -21.36 8.16
C7 BPW D . -0.55 -22.37 10.68
C8 BPW D . -1.08 -22.05 8.32
C10 BPW D . -2.73 -23.32 9.79
C1 BPW D . 0.98 -21.17 9.24
CL2 BPW D . 2.46 -20.30 9.00
C3 BPW D . -1.41 -22.56 9.59
C11 BPW D . -3.96 -22.42 9.59
C9 BPW D . -4.84 -22.36 10.84
N6 BPW D . -5.88 -21.33 10.74
C4 BPW E . 6.49 -23.98 9.71
C5 BPW E . 6.56 -25.97 8.33
C7 BPW E . 5.16 -23.77 9.35
C8 BPW E . 5.23 -25.77 7.97
C10 BPW E . 3.08 -24.45 8.09
C1 BPW E . 7.18 -25.07 9.20
CL2 BPW E . 8.82 -25.33 9.64
C3 BPW E . 4.53 -24.67 8.48
C11 BPW E . 2.15 -25.00 9.16
C9 BPW E . 1.61 -26.38 8.77
N6 BPW E . 0.32 -26.58 9.43
#